data_3P1V
#
_entry.id   3P1V
#
_cell.length_a   72.919
_cell.length_b   84.963
_cell.length_c   139.758
_cell.angle_alpha   90.000
_cell.angle_beta   99.560
_cell.angle_gamma   90.000
#
_symmetry.space_group_name_H-M   'C 1 2 1'
#
loop_
_entity.id
_entity.type
_entity.pdbx_description
1 polymer Metallo-endopeptidase
2 non-polymer 'ZINC ION'
3 non-polymer 'POTASSIUM ION'
4 non-polymer 'CHLORIDE ION'
5 non-polymer 'PHOSPHATE ION'
6 non-polymer 'DIMETHYL SULFOXIDE'
7 non-polymer DI(HYDROXYETHYL)ETHER
8 water water
#
_entity_poly.entity_id   1
_entity_poly.type   'polypeptide(L)'
_entity_poly.pdbx_seq_one_letter_code
;GQNFADYFQNKTLRVDYIFTGDATQQAIYLDELSQLPTWAGRQHHLSELPLEGNGQIIVKDLASKQCIYQTSFSSLFQEW
LSTDEAKETAKGFENTFLLPYPKQPVEVEVTLYSPRKKT(MSE)ATYKHIVRPDDILIHKRGVSHITPHRY(MSE)LQSG
NEKDCIDVAILAEGYTEKE(MSE)DVFYQDAQRTCESLFSYEPFRS(MSE)KSKFNIVAVASPSTDSGVSVPRENQWKQT
AVHSHFDTFYSDRYLTTSRVKSVHNALAGIPYEHIIILANTDVYGGGGIYNSYTLTTAHHP(MSE)FKPVVVHEFGHSFG
GLADEYFYDNDV(MSE)TDTYPLDVEPWEQNISTRVNFASKWKD(MSE)LPSGAPIPTPIAEKKKYPVGVYEGGGYSAKG
IYRPAYDCR(MSE)KTNEYPEFCPVCQRAIRR(MSE)IEFYVP
;
_entity_poly.pdbx_strand_id   A,B
#
loop_
_chem_comp.id
_chem_comp.type
_chem_comp.name
_chem_comp.formula
CL non-polymer 'CHLORIDE ION' 'Cl -1'
DMS non-polymer 'DIMETHYL SULFOXIDE' 'C2 H6 O S'
K non-polymer 'POTASSIUM ION' 'K 1'
PEG non-polymer DI(HYDROXYETHYL)ETHER 'C4 H10 O3'
PO4 non-polymer 'PHOSPHATE ION' 'O4 P -3'
ZN non-polymer 'ZINC ION' 'Zn 2'
#
# COMPACT_ATOMS: atom_id res chain seq x y z
N GLN A 2 -18.36 -31.00 -5.28
CA GLN A 2 -18.40 -29.75 -6.04
C GLN A 2 -17.35 -29.79 -7.16
N ASN A 3 -17.82 -29.67 -8.42
CA ASN A 3 -16.92 -29.64 -9.58
C ASN A 3 -16.35 -28.24 -9.71
N PHE A 4 -15.04 -28.12 -10.02
CA PHE A 4 -14.38 -26.82 -10.14
C PHE A 4 -15.09 -25.92 -11.17
N ALA A 5 -15.38 -26.47 -12.38
CA ALA A 5 -15.97 -25.78 -13.52
C ALA A 5 -17.39 -25.28 -13.27
N ASP A 6 -18.06 -25.75 -12.19
CA ASP A 6 -19.42 -25.31 -11.88
C ASP A 6 -19.48 -23.81 -11.61
N TYR A 7 -18.50 -23.27 -10.85
CA TYR A 7 -18.50 -21.86 -10.48
C TYR A 7 -17.27 -21.11 -10.94
N PHE A 8 -16.20 -21.84 -11.28
CA PHE A 8 -14.94 -21.16 -11.59
C PHE A 8 -14.34 -21.41 -12.97
N GLN A 9 -13.55 -20.40 -13.40
CA GLN A 9 -12.71 -20.36 -14.59
C GLN A 9 -11.30 -20.79 -14.19
N ASN A 10 -10.47 -21.23 -15.14
CA ASN A 10 -9.08 -21.57 -14.84
C ASN A 10 -8.19 -20.31 -14.87
N LYS A 11 -8.51 -19.37 -13.97
CA LYS A 11 -7.81 -18.10 -13.74
C LYS A 11 -7.86 -17.82 -12.27
N THR A 12 -7.08 -16.82 -11.81
CA THR A 12 -7.06 -16.46 -10.39
C THR A 12 -7.67 -15.08 -10.17
N LEU A 13 -8.52 -14.99 -9.16
CA LEU A 13 -9.03 -13.74 -8.64
C LEU A 13 -8.13 -13.42 -7.46
N ARG A 14 -7.17 -12.49 -7.65
CA ARG A 14 -6.26 -12.07 -6.57
C ARG A 14 -6.88 -10.87 -5.85
N VAL A 15 -6.93 -10.92 -4.51
CA VAL A 15 -7.50 -9.82 -3.74
C VAL A 15 -6.43 -9.26 -2.80
N ASP A 16 -6.17 -7.95 -2.93
CA ASP A 16 -5.27 -7.25 -2.03
C ASP A 16 -6.12 -6.45 -1.06
N TYR A 17 -5.94 -6.75 0.23
CA TYR A 17 -6.62 -6.04 1.31
C TYR A 17 -5.65 -5.21 2.11
N ILE A 18 -6.21 -4.35 2.97
CA ILE A 18 -5.48 -3.62 3.99
C ILE A 18 -6.08 -4.08 5.31
N PHE A 19 -5.24 -4.66 6.18
CA PHE A 19 -5.65 -5.08 7.53
C PHE A 19 -5.23 -3.95 8.43
N THR A 20 -6.20 -3.34 9.15
CA THR A 20 -5.90 -2.16 9.96
C THR A 20 -6.29 -2.31 11.40
N GLY A 21 -5.68 -1.49 12.25
CA GLY A 21 -6.07 -1.42 13.63
C GLY A 21 -4.97 -1.17 14.61
N ASP A 22 -5.27 -1.51 15.87
CA ASP A 22 -4.39 -1.38 17.02
C ASP A 22 -4.80 -2.44 18.03
N ALA A 23 -4.28 -2.40 19.27
CA ALA A 23 -4.60 -3.39 20.33
C ALA A 23 -6.10 -3.41 20.73
N THR A 24 -6.86 -2.33 20.47
CA THR A 24 -8.28 -2.25 20.88
C THR A 24 -9.30 -2.53 19.74
N GLN A 25 -8.97 -2.20 18.48
CA GLN A 25 -9.89 -2.37 17.35
C GLN A 25 -9.18 -2.79 16.09
N GLN A 26 -9.90 -3.49 15.21
CA GLN A 26 -9.38 -3.93 13.91
C GLN A 26 -10.45 -3.77 12.84
N ALA A 27 -10.01 -3.54 11.60
CA ALA A 27 -10.89 -3.36 10.44
C ALA A 27 -10.17 -3.78 9.15
N ILE A 28 -10.93 -4.26 8.16
CA ILE A 28 -10.40 -4.73 6.87
C ILE A 28 -11.00 -3.84 5.75
N TYR A 29 -10.19 -3.50 4.76
CA TYR A 29 -10.62 -2.69 3.63
C TYR A 29 -10.06 -3.30 2.36
N LEU A 30 -10.75 -3.12 1.26
CA LEU A 30 -10.25 -3.59 -0.03
C LEU A 30 -9.24 -2.59 -0.59
N ASP A 31 -8.14 -3.09 -1.18
CA ASP A 31 -7.19 -2.25 -1.88
C ASP A 31 -7.49 -2.38 -3.38
N GLU A 32 -7.23 -3.57 -3.98
CA GLU A 32 -7.44 -3.78 -5.43
C GLU A 32 -7.64 -5.26 -5.76
N LEU A 33 -8.44 -5.51 -6.81
CA LEU A 33 -8.67 -6.83 -7.39
C LEU A 33 -7.75 -6.98 -8.60
N SER A 34 -7.17 -8.16 -8.77
CA SER A 34 -6.29 -8.49 -9.90
C SER A 34 -6.69 -9.83 -10.48
N GLN A 35 -6.28 -10.08 -11.72
CA GLN A 35 -6.48 -11.38 -12.32
C GLN A 35 -5.12 -11.97 -12.72
N LEU A 36 -4.93 -13.28 -12.48
CA LEU A 36 -3.75 -14.05 -12.90
C LEU A 36 -4.22 -15.00 -13.98
N PRO A 37 -3.39 -15.27 -15.02
CA PRO A 37 -3.90 -16.01 -16.19
C PRO A 37 -4.32 -17.47 -15.97
N THR A 38 -3.90 -18.10 -14.87
CA THR A 38 -4.29 -19.49 -14.57
C THR A 38 -4.62 -19.62 -13.08
N TRP A 39 -5.29 -20.73 -12.73
CA TRP A 39 -5.56 -21.10 -11.33
C TRP A 39 -4.62 -22.23 -10.96
N ALA A 40 -3.70 -21.96 -10.05
CA ALA A 40 -2.69 -22.91 -9.60
C ALA A 40 -3.14 -23.68 -8.34
N GLY A 41 -4.26 -23.29 -7.74
CA GLY A 41 -4.72 -23.91 -6.50
C GLY A 41 -5.57 -25.14 -6.64
N ARG A 42 -6.33 -25.45 -5.58
CA ARG A 42 -7.21 -26.63 -5.46
C ARG A 42 -8.22 -26.76 -6.57
N GLN A 43 -8.51 -28.01 -6.96
CA GLN A 43 -9.54 -28.37 -7.92
C GLN A 43 -10.63 -29.14 -7.18
N HIS A 44 -10.30 -29.61 -5.96
CA HIS A 44 -11.13 -30.43 -5.08
C HIS A 44 -11.13 -29.88 -3.68
N HIS A 45 -12.08 -30.30 -2.81
CA HIS A 45 -12.20 -29.83 -1.41
C HIS A 45 -12.34 -28.29 -1.38
N LEU A 46 -13.01 -27.73 -2.40
CA LEU A 46 -13.12 -26.30 -2.62
C LEU A 46 -13.79 -25.58 -1.44
N SER A 47 -14.89 -26.12 -0.93
CA SER A 47 -15.64 -25.50 0.16
C SER A 47 -15.30 -26.10 1.55
N GLU A 48 -14.02 -26.37 1.79
CA GLU A 48 -13.57 -26.83 3.10
C GLU A 48 -12.23 -26.25 3.42
N LEU A 49 -11.83 -26.39 4.68
CA LEU A 49 -10.57 -25.89 5.19
C LEU A 49 -9.68 -27.01 5.69
N PRO A 50 -8.33 -26.93 5.46
CA PRO A 50 -7.44 -27.97 6.02
C PRO A 50 -7.14 -27.69 7.50
N LEU A 51 -7.20 -26.40 7.88
CA LEU A 51 -6.92 -25.86 9.23
C LEU A 51 -7.80 -24.63 9.50
N GLU A 52 -8.10 -24.29 10.77
CA GLU A 52 -8.89 -23.07 11.03
C GLU A 52 -8.12 -21.80 10.66
N GLY A 53 -6.81 -21.79 10.99
CA GLY A 53 -5.99 -20.60 10.85
C GLY A 53 -6.43 -19.53 11.84
N ASN A 54 -5.89 -18.33 11.73
CA ASN A 54 -6.26 -17.16 12.55
C ASN A 54 -7.12 -16.22 11.71
N GLY A 55 -7.29 -16.58 10.45
CA GLY A 55 -8.04 -15.80 9.48
C GLY A 55 -8.59 -16.70 8.40
N GLN A 56 -9.77 -16.32 7.85
CA GLN A 56 -10.43 -17.11 6.81
C GLN A 56 -11.02 -16.23 5.76
N ILE A 57 -11.08 -16.76 4.54
CA ILE A 57 -11.76 -16.14 3.39
C ILE A 57 -12.77 -17.16 2.91
N ILE A 58 -14.06 -16.79 2.93
CA ILE A 58 -15.19 -17.61 2.48
C ILE A 58 -15.77 -16.96 1.22
N VAL A 59 -15.84 -17.72 0.10
CA VAL A 59 -16.41 -17.23 -1.16
C VAL A 59 -17.80 -17.88 -1.35
N LYS A 60 -18.82 -17.05 -1.53
CA LYS A 60 -20.19 -17.51 -1.75
C LYS A 60 -20.69 -17.07 -3.12
N ASP A 61 -21.46 -17.92 -3.82
CA ASP A 61 -22.12 -17.53 -5.08
C ASP A 61 -23.09 -16.40 -4.71
N LEU A 62 -23.04 -15.25 -5.38
CA LEU A 62 -23.89 -14.11 -5.00
C LEU A 62 -25.40 -14.44 -5.06
N ALA A 63 -25.87 -15.04 -6.16
CA ALA A 63 -27.30 -15.34 -6.32
C ALA A 63 -27.85 -16.33 -5.26
N SER A 64 -27.17 -17.47 -5.05
CA SER A 64 -27.63 -18.53 -4.14
C SER A 64 -27.09 -18.45 -2.71
N LYS A 65 -25.94 -17.78 -2.49
CA LYS A 65 -25.24 -17.65 -1.21
C LYS A 65 -24.64 -19.01 -0.80
N GLN A 66 -24.50 -19.93 -1.77
CA GLN A 66 -23.86 -21.23 -1.57
C GLN A 66 -22.35 -21.03 -1.44
N CYS A 67 -21.74 -21.62 -0.39
CA CYS A 67 -20.31 -21.55 -0.16
CA CYS A 67 -20.29 -21.58 -0.14
C CYS A 67 -19.60 -22.34 -1.26
N ILE A 68 -18.70 -21.69 -2.02
CA ILE A 68 -18.04 -22.33 -3.16
C ILE A 68 -16.51 -22.38 -3.07
N TYR A 69 -15.92 -21.63 -2.11
CA TYR A 69 -14.48 -21.65 -1.86
C TYR A 69 -14.18 -21.20 -0.46
N GLN A 70 -13.21 -21.87 0.18
CA GLN A 70 -12.75 -21.51 1.53
C GLN A 70 -11.23 -21.60 1.60
N THR A 71 -10.57 -20.61 2.25
CA THR A 71 -9.11 -20.65 2.48
C THR A 71 -8.82 -20.05 3.86
N SER A 72 -7.78 -20.55 4.56
CA SER A 72 -7.41 -20.04 5.87
C SER A 72 -5.94 -19.63 5.89
N PHE A 73 -5.58 -18.81 6.87
CA PHE A 73 -4.26 -18.21 6.96
C PHE A 73 -3.99 -17.64 8.32
N SER A 74 -2.78 -17.14 8.50
CA SER A 74 -2.37 -16.29 9.59
C SER A 74 -1.62 -15.11 8.95
N SER A 75 -1.36 -14.02 9.70
CA SER A 75 -0.78 -12.83 9.11
C SER A 75 0.25 -12.15 10.01
N LEU A 76 1.16 -11.40 9.39
CA LEU A 76 2.14 -10.58 10.13
C LEU A 76 1.36 -9.53 10.97
N PHE A 77 0.28 -8.97 10.39
CA PHE A 77 -0.59 -8.01 11.09
C PHE A 77 -1.01 -8.53 12.50
N GLN A 78 -1.48 -9.78 12.58
CA GLN A 78 -1.93 -10.40 13.83
C GLN A 78 -0.80 -10.53 14.84
N GLU A 79 0.45 -10.74 14.38
CA GLU A 79 1.61 -10.73 15.31
C GLU A 79 1.84 -9.30 15.81
N TRP A 80 1.79 -8.31 14.90
CA TRP A 80 1.99 -6.90 15.23
C TRP A 80 1.02 -6.40 16.33
N LEU A 81 -0.24 -6.90 16.29
CA LEU A 81 -1.29 -6.52 17.24
C LEU A 81 -0.90 -6.74 18.72
N SER A 82 0.06 -7.65 18.99
CA SER A 82 0.47 -7.91 20.39
C SER A 82 1.74 -7.10 20.75
N THR A 83 2.24 -6.24 19.84
CA THR A 83 3.46 -5.46 20.13
C THR A 83 3.13 -4.13 20.84
N ASP A 84 4.17 -3.52 21.45
CA ASP A 84 4.06 -2.24 22.15
C ASP A 84 3.54 -1.12 21.26
N GLU A 85 3.99 -1.09 19.99
CA GLU A 85 3.55 -0.06 19.04
C GLU A 85 2.01 -0.08 18.81
N ALA A 86 1.38 -1.29 18.78
CA ALA A 86 -0.06 -1.44 18.54
C ALA A 86 -0.92 -0.87 19.70
N LYS A 87 -0.31 -0.65 20.87
CA LYS A 87 -1.00 -0.02 22.01
C LYS A 87 -1.17 1.48 21.81
N GLU A 88 -0.32 2.11 20.96
CA GLU A 88 -0.35 3.57 20.79
C GLU A 88 -0.62 4.06 19.38
N THR A 89 -0.30 3.27 18.32
CA THR A 89 -0.41 3.75 16.94
C THR A 89 -1.18 2.78 16.06
N ALA A 90 -2.34 3.22 15.51
CA ALA A 90 -3.14 2.38 14.60
C ALA A 90 -2.49 2.36 13.19
N LYS A 91 -2.28 1.16 12.65
CA LYS A 91 -1.59 1.01 11.37
C LYS A 91 -2.34 0.12 10.39
N GLY A 92 -1.93 0.18 9.12
CA GLY A 92 -2.47 -0.63 8.04
C GLY A 92 -1.41 -1.56 7.47
N PHE A 93 -1.79 -2.81 7.16
CA PHE A 93 -0.91 -3.85 6.65
C PHE A 93 -1.42 -4.44 5.36
N GLU A 94 -0.53 -4.64 4.37
CA GLU A 94 -0.86 -5.28 3.08
C GLU A 94 -1.05 -6.76 3.26
N ASN A 95 -2.17 -7.31 2.77
CA ASN A 95 -2.44 -8.76 2.82
C ASN A 95 -3.08 -9.19 1.52
N THR A 96 -2.44 -10.15 0.82
CA THR A 96 -2.89 -10.66 -0.49
C THR A 96 -3.36 -12.11 -0.40
N PHE A 97 -4.50 -12.43 -1.07
CA PHE A 97 -5.03 -13.79 -1.11
C PHE A 97 -5.44 -14.15 -2.55
N LEU A 98 -5.31 -15.45 -2.88
CA LEU A 98 -5.63 -15.97 -4.20
C LEU A 98 -6.90 -16.81 -4.12
N LEU A 99 -7.85 -16.52 -5.00
CA LEU A 99 -9.15 -17.19 -5.09
C LEU A 99 -9.36 -17.68 -6.51
N PRO A 100 -10.12 -18.77 -6.75
CA PRO A 100 -10.42 -19.16 -8.14
C PRO A 100 -11.29 -18.09 -8.78
N TYR A 101 -11.04 -17.77 -10.05
CA TYR A 101 -11.79 -16.71 -10.76
C TYR A 101 -13.22 -17.16 -11.05
N PRO A 102 -14.22 -16.40 -10.56
CA PRO A 102 -15.62 -16.83 -10.74
C PRO A 102 -16.19 -16.56 -12.12
N LYS A 103 -17.14 -17.43 -12.55
CA LYS A 103 -17.88 -17.26 -13.82
C LYS A 103 -18.96 -16.21 -13.63
N GLN A 104 -19.52 -16.13 -12.42
CA GLN A 104 -20.59 -15.20 -12.06
C GLN A 104 -20.26 -14.39 -10.80
N PRO A 105 -21.00 -13.30 -10.49
CA PRO A 105 -20.69 -12.51 -9.27
C PRO A 105 -20.63 -13.35 -7.98
N VAL A 106 -19.70 -12.97 -7.10
CA VAL A 106 -19.49 -13.63 -5.82
C VAL A 106 -19.53 -12.62 -4.70
N GLU A 107 -19.78 -13.11 -3.48
CA GLU A 107 -19.67 -12.39 -2.23
C GLU A 107 -18.47 -12.98 -1.50
N VAL A 108 -17.42 -12.17 -1.27
CA VAL A 108 -16.19 -12.58 -0.61
C VAL A 108 -16.20 -12.08 0.86
N GLU A 109 -16.05 -12.99 1.85
CA GLU A 109 -16.03 -12.59 3.25
C GLU A 109 -14.73 -12.99 3.95
N VAL A 110 -14.01 -11.98 4.49
CA VAL A 110 -12.76 -12.11 5.24
C VAL A 110 -13.06 -11.95 6.72
N THR A 111 -12.52 -12.83 7.56
CA THR A 111 -12.71 -12.78 9.00
C THR A 111 -11.37 -13.04 9.68
N LEU A 112 -11.06 -12.22 10.69
CA LEU A 112 -9.87 -12.37 11.52
C LEU A 112 -10.32 -12.80 12.91
N TYR A 113 -9.64 -13.81 13.45
CA TYR A 113 -9.97 -14.39 14.75
C TYR A 113 -8.87 -14.15 15.78
N SER A 114 -9.27 -14.01 17.05
CA SER A 114 -8.35 -13.84 18.18
C SER A 114 -7.80 -15.21 18.62
N PRO A 115 -6.76 -15.27 19.50
CA PRO A 115 -6.30 -16.57 20.02
C PRO A 115 -7.38 -17.35 20.79
N ARG A 116 -8.49 -16.68 21.13
CA ARG A 116 -9.62 -17.29 21.83
C ARG A 116 -10.74 -17.67 20.84
N LYS A 117 -10.43 -17.67 19.50
CA LYS A 117 -11.35 -18.01 18.39
C LYS A 117 -12.51 -17.00 18.26
N LYS A 118 -12.36 -15.80 18.84
CA LYS A 118 -13.37 -14.75 18.78
C LYS A 118 -13.16 -13.91 17.52
N THR A 119 -14.26 -13.50 16.87
CA THR A 119 -14.20 -12.64 15.67
C THR A 119 -13.69 -11.26 16.07
N MSE A 120 -12.55 -10.83 15.46
CA MSE A 120 -11.97 -9.53 15.76
CA MSE A 120 -11.85 -9.55 15.68
C MSE A 120 -12.34 -8.48 14.70
O MSE A 120 -12.58 -7.33 15.06
CB MSE A 120 -10.44 -9.65 15.91
CB MSE A 120 -10.32 -9.71 15.49
CG MSE A 120 -10.01 -10.35 17.20
CG MSE A 120 -9.62 -10.67 16.48
SE MSE A 120 -11.08 -9.96 18.81
SE MSE A 120 -7.61 -10.63 16.41
CE MSE A 120 -10.77 -8.01 18.97
CE MSE A 120 -7.30 -10.95 14.59
N ALA A 121 -12.44 -8.88 13.42
CA ALA A 121 -12.85 -8.05 12.28
C ALA A 121 -13.43 -8.94 11.19
N THR A 122 -14.42 -8.41 10.46
CA THR A 122 -15.06 -9.11 9.37
C THR A 122 -15.27 -8.11 8.24
N TYR A 123 -15.24 -8.57 6.99
CA TYR A 123 -15.40 -7.70 5.82
C TYR A 123 -16.05 -8.48 4.69
N LYS A 124 -17.14 -7.95 4.11
CA LYS A 124 -17.82 -8.56 2.97
C LYS A 124 -17.76 -7.62 1.77
N HIS A 125 -17.47 -8.17 0.57
CA HIS A 125 -17.49 -7.38 -0.68
C HIS A 125 -17.95 -8.25 -1.84
N ILE A 126 -18.57 -7.62 -2.83
CA ILE A 126 -19.06 -8.28 -4.03
C ILE A 126 -18.03 -8.07 -5.12
N VAL A 127 -17.69 -9.17 -5.82
CA VAL A 127 -16.79 -9.13 -6.96
C VAL A 127 -17.60 -9.54 -8.17
N ARG A 128 -17.58 -8.70 -9.21
CA ARG A 128 -18.30 -8.98 -10.46
C ARG A 128 -17.21 -9.26 -11.51
N PRO A 129 -17.16 -10.48 -12.08
CA PRO A 129 -16.05 -10.84 -12.99
C PRO A 129 -15.87 -9.97 -14.24
N ASP A 130 -16.92 -9.17 -14.64
CA ASP A 130 -16.90 -8.27 -15.79
C ASP A 130 -16.34 -6.88 -15.42
N ASP A 131 -16.02 -6.65 -14.12
CA ASP A 131 -15.49 -5.39 -13.63
C ASP A 131 -14.17 -5.07 -14.34
N ILE A 132 -14.15 -3.98 -15.14
CA ILE A 132 -12.98 -3.55 -15.92
C ILE A 132 -11.83 -3.12 -15.01
N LEU A 133 -12.09 -2.80 -13.72
CA LEU A 133 -11.00 -2.38 -12.83
C LEU A 133 -10.32 -3.56 -12.09
N ILE A 134 -10.66 -4.79 -12.50
CA ILE A 134 -9.92 -5.97 -12.03
C ILE A 134 -8.61 -5.92 -12.84
N HIS A 135 -7.50 -5.62 -12.16
CA HIS A 135 -6.18 -5.41 -12.76
C HIS A 135 -5.61 -6.71 -13.37
N LYS A 136 -5.49 -6.78 -14.71
CA LYS A 136 -4.92 -7.97 -15.32
C LYS A 136 -3.41 -7.98 -15.14
N ARG A 137 -2.89 -9.11 -14.65
CA ARG A 137 -1.47 -9.31 -14.37
C ARG A 137 -0.96 -10.62 -14.94
N GLY A 138 0.35 -10.79 -14.93
CA GLY A 138 1.02 -11.99 -15.42
C GLY A 138 0.87 -12.31 -16.88
N VAL A 139 0.68 -11.27 -17.72
CA VAL A 139 0.52 -11.44 -19.18
C VAL A 139 1.74 -10.90 -19.95
N SER A 140 2.54 -10.06 -19.31
CA SER A 140 3.75 -9.46 -19.89
C SER A 140 4.82 -9.31 -18.81
N HIS A 141 6.09 -9.21 -19.22
CA HIS A 141 7.24 -9.05 -18.31
C HIS A 141 7.22 -10.07 -17.17
N ILE A 142 6.93 -11.34 -17.49
CA ILE A 142 6.92 -12.37 -16.44
C ILE A 142 8.37 -12.53 -15.96
N THR A 143 8.60 -12.41 -14.64
CA THR A 143 9.94 -12.48 -14.05
C THR A 143 10.66 -13.73 -14.55
N PRO A 144 11.93 -13.60 -15.02
CA PRO A 144 12.68 -14.80 -15.45
C PRO A 144 12.69 -15.82 -14.31
N HIS A 145 12.45 -17.09 -14.65
CA HIS A 145 12.34 -18.12 -13.63
C HIS A 145 12.85 -19.48 -14.17
N ARG A 146 13.10 -20.42 -13.26
CA ARG A 146 13.61 -21.73 -13.63
C ARG A 146 12.96 -22.81 -12.77
N TYR A 147 12.49 -23.90 -13.41
CA TYR A 147 11.90 -24.99 -12.63
C TYR A 147 12.98 -25.86 -12.04
N MSE A 148 13.03 -25.91 -10.69
CA MSE A 148 13.99 -26.72 -9.96
C MSE A 148 13.45 -28.14 -9.81
O MSE A 148 14.21 -29.09 -9.69
CB MSE A 148 14.29 -26.11 -8.60
CG MSE A 148 14.72 -24.64 -8.68
SE MSE A 148 16.18 -24.33 -10.04
CE MSE A 148 17.63 -25.25 -9.17
N LEU A 149 12.11 -28.28 -9.79
CA LEU A 149 11.38 -29.53 -9.73
C LEU A 149 10.06 -29.33 -10.45
N GLN A 150 9.73 -30.24 -11.38
CA GLN A 150 8.48 -30.13 -12.12
C GLN A 150 7.90 -31.52 -12.28
N SER A 151 7.10 -31.93 -11.31
CA SER A 151 6.49 -33.25 -11.27
C SER A 151 5.26 -33.38 -12.19
N GLY A 152 4.62 -32.26 -12.51
CA GLY A 152 3.45 -32.24 -13.37
C GLY A 152 2.87 -30.85 -13.53
N ASN A 153 1.61 -30.76 -14.02
CA ASN A 153 0.92 -29.48 -14.25
C ASN A 153 0.50 -28.83 -12.93
N GLU A 154 0.05 -27.57 -13.00
CA GLU A 154 -0.35 -26.80 -11.82
C GLU A 154 -1.63 -27.30 -11.19
N LYS A 155 -2.46 -28.04 -11.94
CA LYS A 155 -3.71 -28.57 -11.36
C LYS A 155 -3.41 -29.74 -10.43
N ASP A 156 -2.50 -30.64 -10.85
CA ASP A 156 -2.18 -31.88 -10.15
C ASP A 156 -1.13 -31.75 -9.06
N CYS A 157 -0.31 -30.69 -9.07
CA CYS A 157 0.78 -30.58 -8.11
C CYS A 157 0.69 -29.33 -7.24
N ILE A 158 1.37 -29.35 -6.10
CA ILE A 158 1.46 -28.21 -5.19
C ILE A 158 2.56 -27.33 -5.74
N ASP A 159 2.22 -26.10 -6.13
CA ASP A 159 3.20 -25.19 -6.74
C ASP A 159 3.84 -24.32 -5.68
N VAL A 160 5.17 -24.47 -5.52
CA VAL A 160 5.94 -23.65 -4.56
C VAL A 160 6.89 -22.75 -5.33
N ALA A 161 6.84 -21.46 -5.07
CA ALA A 161 7.72 -20.50 -5.70
C ALA A 161 8.80 -20.04 -4.72
N ILE A 162 10.04 -20.03 -5.20
CA ILE A 162 11.22 -19.53 -4.46
C ILE A 162 11.58 -18.21 -5.10
N LEU A 163 11.58 -17.13 -4.30
CA LEU A 163 11.77 -15.77 -4.78
C LEU A 163 13.07 -15.16 -4.25
N ALA A 164 13.79 -14.44 -5.15
CA ALA A 164 15.07 -13.78 -4.87
C ALA A 164 14.90 -12.42 -4.19
N GLU A 165 15.52 -12.26 -3.02
CA GLU A 165 15.48 -11.00 -2.27
C GLU A 165 16.91 -10.57 -1.93
N GLY A 166 17.28 -9.37 -2.37
CA GLY A 166 18.61 -8.84 -2.13
C GLY A 166 19.69 -9.36 -3.07
N TYR A 167 19.29 -9.97 -4.19
CA TYR A 167 20.20 -10.45 -5.23
C TYR A 167 20.13 -9.50 -6.41
N THR A 168 21.26 -8.91 -6.82
CA THR A 168 21.30 -8.07 -8.04
C THR A 168 21.31 -9.03 -9.24
N GLU A 169 21.14 -8.51 -10.45
CA GLU A 169 21.18 -9.30 -11.69
C GLU A 169 22.50 -10.09 -11.80
N LYS A 170 23.59 -9.53 -11.29
CA LYS A 170 24.92 -10.16 -11.28
C LYS A 170 25.00 -11.37 -10.33
N GLU A 171 24.05 -11.51 -9.41
CA GLU A 171 24.08 -12.57 -8.39
C GLU A 171 23.03 -13.67 -8.59
N MSE A 172 22.38 -13.73 -9.77
CA MSE A 172 21.31 -14.71 -9.99
C MSE A 172 21.81 -16.17 -10.07
O MSE A 172 21.03 -17.07 -9.72
CB MSE A 172 20.45 -14.35 -11.19
CG MSE A 172 19.57 -13.14 -10.88
SE MSE A 172 18.56 -13.42 -9.21
CE MSE A 172 17.82 -11.66 -9.17
N ASP A 173 23.10 -16.41 -10.40
CA ASP A 173 23.62 -17.79 -10.39
C ASP A 173 23.74 -18.29 -8.93
N VAL A 174 24.07 -17.39 -8.01
CA VAL A 174 24.12 -17.71 -6.57
C VAL A 174 22.68 -18.04 -6.13
N PHE A 175 21.70 -17.18 -6.50
CA PHE A 175 20.28 -17.38 -6.14
C PHE A 175 19.77 -18.75 -6.62
N TYR A 176 20.03 -19.11 -7.90
CA TYR A 176 19.57 -20.38 -8.43
C TYR A 176 20.24 -21.54 -7.70
N GLN A 177 21.53 -21.40 -7.31
CA GLN A 177 22.18 -22.42 -6.49
C GLN A 177 21.48 -22.53 -5.11
N ASP A 178 21.12 -21.37 -4.50
CA ASP A 178 20.37 -21.31 -3.24
C ASP A 178 19.00 -21.99 -3.37
N ALA A 179 18.34 -21.83 -4.55
CA ALA A 179 17.04 -22.52 -4.83
C ALA A 179 17.25 -24.03 -4.95
N GLN A 180 18.34 -24.49 -5.58
CA GLN A 180 18.68 -25.92 -5.66
C GLN A 180 18.83 -26.49 -4.24
N ARG A 181 19.56 -25.75 -3.38
CA ARG A 181 19.83 -26.14 -1.97
C ARG A 181 18.51 -26.23 -1.19
N THR A 182 17.58 -25.25 -1.45
CA THR A 182 16.26 -25.27 -0.81
C THR A 182 15.51 -26.57 -1.15
N CYS A 183 15.42 -26.92 -2.46
CA CYS A 183 14.76 -28.11 -3.01
CA CYS A 183 14.77 -28.15 -2.96
C CYS A 183 15.36 -29.39 -2.38
N GLU A 184 16.70 -29.49 -2.38
CA GLU A 184 17.46 -30.60 -1.84
C GLU A 184 17.16 -30.77 -0.36
N SER A 185 17.16 -29.66 0.42
CA SER A 185 16.84 -29.72 1.85
C SER A 185 15.39 -30.19 2.05
N LEU A 186 14.41 -29.52 1.41
CA LEU A 186 13.00 -29.86 1.60
C LEU A 186 12.69 -31.33 1.35
N PHE A 187 13.16 -31.87 0.22
CA PHE A 187 12.83 -33.25 -0.16
C PHE A 187 13.75 -34.27 0.52
N SER A 188 14.55 -33.85 1.51
CA SER A 188 15.33 -34.80 2.30
C SER A 188 14.52 -35.20 3.53
N TYR A 189 13.35 -34.51 3.75
CA TYR A 189 12.50 -34.76 4.93
C TYR A 189 11.21 -35.46 4.55
N GLU A 190 10.83 -36.47 5.36
CA GLU A 190 9.55 -37.15 5.22
C GLU A 190 8.48 -36.22 5.82
N PRO A 191 7.25 -36.13 5.26
CA PRO A 191 6.73 -36.92 4.13
C PRO A 191 6.99 -36.28 2.76
N PHE A 192 7.67 -35.10 2.71
CA PHE A 192 7.99 -34.41 1.43
C PHE A 192 8.79 -35.35 0.52
N ARG A 193 9.77 -36.09 1.10
CA ARG A 193 10.61 -37.04 0.38
CA ARG A 193 10.61 -37.04 0.39
C ARG A 193 9.76 -38.09 -0.37
N SER A 194 8.85 -38.79 0.34
CA SER A 194 8.01 -39.83 -0.27
CA SER A 194 8.03 -39.83 -0.29
C SER A 194 6.90 -39.24 -1.14
N MSE A 195 6.55 -37.96 -0.95
CA MSE A 195 5.48 -37.36 -1.76
C MSE A 195 6.03 -36.31 -2.71
O MSE A 195 5.27 -35.44 -3.13
CB MSE A 195 4.40 -36.77 -0.84
CG MSE A 195 3.73 -37.84 0.02
SE MSE A 195 2.33 -37.09 1.17
CE MSE A 195 0.72 -37.55 0.04
N LYS A 196 7.32 -36.42 -3.13
CA LYS A 196 8.02 -35.49 -4.02
C LYS A 196 7.26 -35.25 -5.32
N SER A 197 6.64 -36.30 -5.91
CA SER A 197 5.89 -36.23 -7.16
C SER A 197 4.61 -35.36 -7.07
N LYS A 198 4.25 -34.90 -5.86
CA LYS A 198 3.08 -34.04 -5.66
C LYS A 198 3.46 -32.56 -5.74
N PHE A 199 4.75 -32.26 -6.00
CA PHE A 199 5.23 -30.85 -5.98
C PHE A 199 5.91 -30.37 -7.23
N ASN A 200 5.77 -29.07 -7.48
CA ASN A 200 6.46 -28.25 -8.47
C ASN A 200 7.22 -27.21 -7.68
N ILE A 201 8.51 -27.00 -8.02
CA ILE A 201 9.35 -25.99 -7.36
C ILE A 201 9.92 -25.07 -8.42
N VAL A 202 9.55 -23.78 -8.37
CA VAL A 202 10.00 -22.84 -9.36
C VAL A 202 10.82 -21.73 -8.67
N ALA A 203 12.01 -21.44 -9.19
CA ALA A 203 12.89 -20.38 -8.67
C ALA A 203 12.69 -19.13 -9.52
N VAL A 204 12.34 -18.01 -8.87
CA VAL A 204 11.96 -16.77 -9.55
C VAL A 204 13.02 -15.70 -9.25
N ALA A 205 13.82 -15.38 -10.29
CA ALA A 205 14.94 -14.44 -10.24
C ALA A 205 14.49 -12.95 -10.29
N SER A 206 13.78 -12.52 -9.24
CA SER A 206 13.31 -11.12 -9.08
C SER A 206 14.51 -10.24 -8.72
N PRO A 207 14.95 -9.32 -9.63
CA PRO A 207 16.17 -8.55 -9.36
C PRO A 207 16.01 -7.48 -8.28
N SER A 208 17.09 -7.23 -7.56
CA SER A 208 17.19 -6.19 -6.53
C SER A 208 18.21 -5.14 -7.00
N THR A 209 17.94 -3.85 -6.71
CA THR A 209 18.87 -2.77 -7.06
C THR A 209 20.16 -2.92 -6.22
N ASP A 210 20.00 -3.21 -4.93
CA ASP A 210 21.10 -3.43 -3.99
C ASP A 210 21.24 -4.88 -3.59
N SER A 211 22.49 -5.25 -3.31
CA SER A 211 22.87 -6.57 -2.80
C SER A 211 22.67 -6.56 -1.27
N GLY A 212 21.98 -7.57 -0.75
CA GLY A 212 21.71 -7.69 0.67
C GLY A 212 20.34 -7.19 1.03
N VAL A 213 20.06 -7.03 2.33
CA VAL A 213 18.75 -6.55 2.80
C VAL A 213 18.90 -5.43 3.83
N SER A 214 17.82 -4.67 4.03
CA SER A 214 17.82 -3.53 4.94
C SER A 214 18.00 -3.96 6.39
N VAL A 215 18.86 -3.23 7.11
CA VAL A 215 19.13 -3.40 8.55
C VAL A 215 18.88 -2.01 9.19
N PRO A 216 17.62 -1.67 9.52
CA PRO A 216 17.31 -0.33 10.08
C PRO A 216 18.20 0.10 11.27
N ARG A 217 18.52 -0.80 12.22
CA ARG A 217 19.32 -0.39 13.41
C ARG A 217 20.76 0.04 13.02
N GLU A 218 21.26 -0.42 11.88
CA GLU A 218 22.61 -0.09 11.40
C GLU A 218 22.51 1.08 10.43
N ASN A 219 21.27 1.62 10.23
CA ASN A 219 20.95 2.68 9.29
C ASN A 219 21.35 2.22 7.87
N GLN A 220 21.11 0.92 7.58
CA GLN A 220 21.41 0.35 6.28
C GLN A 220 20.10 0.10 5.54
N TRP A 221 19.64 1.08 4.77
CA TRP A 221 18.40 0.96 4.02
C TRP A 221 18.75 0.67 2.57
N LYS A 222 18.34 -0.50 2.10
CA LYS A 222 18.63 -0.97 0.76
C LYS A 222 17.39 -1.03 -0.09
N GLN A 223 17.57 -0.88 -1.40
CA GLN A 223 16.50 -0.96 -2.38
C GLN A 223 16.51 -2.39 -2.95
N THR A 224 15.52 -3.19 -2.54
CA THR A 224 15.45 -4.61 -2.91
C THR A 224 14.10 -4.99 -3.49
N ALA A 225 14.06 -6.15 -4.16
CA ALA A 225 12.87 -6.68 -4.87
C ALA A 225 11.62 -6.72 -4.00
N VAL A 226 11.72 -7.15 -2.72
CA VAL A 226 10.50 -7.24 -1.90
C VAL A 226 10.59 -6.41 -0.63
N HIS A 227 11.59 -5.53 -0.55
CA HIS A 227 11.74 -4.50 0.51
C HIS A 227 11.73 -5.08 1.92
N SER A 228 12.39 -6.24 2.11
CA SER A 228 12.47 -6.86 3.43
C SER A 228 13.40 -6.05 4.33
N HIS A 229 13.29 -6.25 5.66
CA HIS A 229 14.15 -5.56 6.61
C HIS A 229 14.25 -6.33 7.91
N PHE A 230 15.37 -6.15 8.61
CA PHE A 230 15.55 -6.67 9.95
C PHE A 230 14.83 -5.69 10.91
N ASP A 231 14.95 -5.90 12.24
CA ASP A 231 14.36 -5.00 13.26
C ASP A 231 12.83 -4.93 13.16
N THR A 232 12.18 -5.99 12.62
CA THR A 232 10.71 -6.04 12.58
C THR A 232 10.21 -6.02 14.03
N PHE A 233 9.29 -5.06 14.37
CA PHE A 233 8.74 -4.88 15.73
C PHE A 233 9.85 -4.61 16.75
N TYR A 234 10.99 -4.04 16.27
CA TYR A 234 12.18 -3.70 17.05
C TYR A 234 12.84 -4.97 17.64
N SER A 235 12.65 -6.10 16.95
CA SER A 235 13.32 -7.37 17.28
C SER A 235 14.47 -7.51 16.26
N ASP A 236 15.72 -7.31 16.70
CA ASP A 236 16.91 -7.26 15.85
C ASP A 236 16.97 -8.29 14.71
N ARG A 237 16.84 -9.59 15.03
CA ARG A 237 16.99 -10.65 14.02
C ARG A 237 15.70 -11.01 13.31
N TYR A 238 14.60 -10.26 13.54
CA TYR A 238 13.35 -10.60 12.87
C TYR A 238 13.29 -9.94 11.49
N LEU A 239 13.57 -10.76 10.46
CA LEU A 239 13.57 -10.37 9.06
C LEU A 239 12.21 -10.69 8.42
N THR A 240 11.50 -9.64 7.97
CA THR A 240 10.19 -9.78 7.32
C THR A 240 10.04 -8.80 6.19
N THR A 241 8.95 -8.96 5.45
CA THR A 241 8.51 -7.93 4.50
C THR A 241 7.01 -7.64 4.75
N SER A 242 6.66 -6.37 4.77
CA SER A 242 5.26 -5.95 4.89
C SER A 242 4.73 -5.50 3.49
N ARG A 243 5.63 -5.60 2.47
CA ARG A 243 5.35 -5.24 1.08
C ARG A 243 4.91 -6.49 0.33
N VAL A 244 3.81 -7.07 0.79
CA VAL A 244 3.22 -8.31 0.27
C VAL A 244 2.81 -8.16 -1.21
N LYS A 245 2.28 -6.98 -1.61
CA LYS A 245 1.93 -6.79 -3.04
C LYS A 245 3.15 -6.94 -3.93
N SER A 246 4.34 -6.41 -3.52
CA SER A 246 5.57 -6.53 -4.32
C SER A 246 5.97 -8.01 -4.49
N VAL A 247 5.75 -8.85 -3.45
CA VAL A 247 6.00 -10.30 -3.52
C VAL A 247 5.12 -10.92 -4.61
N HIS A 248 3.78 -10.68 -4.54
CA HIS A 248 2.84 -11.29 -5.48
C HIS A 248 2.98 -10.70 -6.88
N ASN A 249 3.37 -9.42 -7.00
CA ASN A 249 3.56 -8.82 -8.34
C ASN A 249 4.73 -9.49 -9.07
N ALA A 250 5.82 -9.81 -8.34
CA ALA A 250 6.99 -10.48 -8.91
C ALA A 250 6.65 -11.88 -9.43
N LEU A 251 5.65 -12.53 -8.81
CA LEU A 251 5.22 -13.91 -9.10
C LEU A 251 4.08 -14.01 -10.09
N ALA A 252 3.41 -12.88 -10.42
CA ALA A 252 2.26 -12.88 -11.35
C ALA A 252 2.66 -13.53 -12.67
N GLY A 253 1.85 -14.46 -13.13
CA GLY A 253 2.12 -15.15 -14.39
C GLY A 253 2.87 -16.46 -14.24
N ILE A 254 3.45 -16.73 -13.06
CA ILE A 254 4.08 -18.02 -12.78
C ILE A 254 3.12 -18.77 -11.86
N PRO A 255 2.70 -20.03 -12.14
CA PRO A 255 1.81 -20.72 -11.20
C PRO A 255 2.44 -20.83 -9.80
N TYR A 256 1.69 -20.42 -8.75
CA TYR A 256 2.22 -20.53 -7.37
C TYR A 256 1.09 -20.61 -6.39
N GLU A 257 1.33 -21.36 -5.32
CA GLU A 257 0.40 -21.52 -4.20
C GLU A 257 1.08 -21.13 -2.89
N HIS A 258 2.38 -21.43 -2.77
CA HIS A 258 3.18 -21.18 -1.57
C HIS A 258 4.45 -20.48 -1.95
N ILE A 259 4.94 -19.62 -1.04
CA ILE A 259 6.10 -18.77 -1.30
C ILE A 259 7.21 -18.98 -0.27
N ILE A 260 8.43 -19.14 -0.79
CA ILE A 260 9.69 -19.18 -0.04
C ILE A 260 10.54 -18.01 -0.57
N ILE A 261 10.86 -17.05 0.28
CA ILE A 261 11.69 -15.90 -0.08
C ILE A 261 13.09 -16.12 0.50
N LEU A 262 14.12 -16.06 -0.38
CA LEU A 262 15.50 -16.22 0.04
C LEU A 262 16.16 -14.85 0.07
N ALA A 263 16.71 -14.47 1.22
CA ALA A 263 17.45 -13.22 1.38
C ALA A 263 18.95 -13.46 1.22
N ASN A 264 19.58 -12.67 0.37
CA ASN A 264 20.99 -12.76 0.04
C ASN A 264 21.88 -12.18 1.17
N THR A 265 22.02 -12.92 2.26
CA THR A 265 22.85 -12.54 3.40
C THR A 265 23.17 -13.81 4.20
N ASP A 266 24.24 -13.73 5.03
CA ASP A 266 24.67 -14.85 5.86
C ASP A 266 24.32 -14.66 7.34
N VAL A 267 23.68 -13.54 7.71
CA VAL A 267 23.31 -13.34 9.14
C VAL A 267 22.03 -14.13 9.47
N TYR A 268 21.78 -14.38 10.77
CA TYR A 268 20.64 -15.16 11.19
C TYR A 268 19.35 -14.34 11.16
N GLY A 269 18.26 -14.97 10.71
CA GLY A 269 16.96 -14.33 10.76
C GLY A 269 15.94 -14.75 9.73
N GLY A 270 14.69 -14.45 10.04
CA GLY A 270 13.56 -14.75 9.18
C GLY A 270 12.38 -15.32 9.96
N GLY A 271 11.49 -15.99 9.24
CA GLY A 271 10.29 -16.57 9.81
C GLY A 271 9.33 -17.00 8.75
N GLY A 272 8.33 -17.77 9.16
CA GLY A 272 7.28 -18.27 8.28
C GLY A 272 5.95 -18.17 8.99
N ILE A 273 4.90 -17.81 8.25
CA ILE A 273 3.54 -17.66 8.77
C ILE A 273 2.60 -18.39 7.82
N TYR A 274 1.68 -19.17 8.40
CA TYR A 274 0.69 -19.98 7.68
C TYR A 274 -0.03 -19.20 6.56
N ASN A 275 0.17 -19.69 5.32
CA ASN A 275 -0.41 -19.16 4.07
C ASN A 275 -0.11 -17.64 3.90
N SER A 276 1.12 -17.24 4.28
CA SER A 276 1.65 -15.90 4.11
C SER A 276 2.87 -16.07 3.22
N TYR A 277 3.98 -16.49 3.83
CA TYR A 277 5.25 -16.83 3.16
C TYR A 277 6.26 -17.30 4.19
N THR A 278 7.31 -17.93 3.70
CA THR A 278 8.53 -18.17 4.44
C THR A 278 9.55 -17.15 3.90
N LEU A 279 10.32 -16.55 4.78
CA LEU A 279 11.42 -15.67 4.40
C LEU A 279 12.60 -16.01 5.32
N THR A 280 13.76 -16.37 4.76
CA THR A 280 14.94 -16.71 5.58
C THR A 280 16.22 -16.31 4.83
N THR A 281 17.33 -16.24 5.56
CA THR A 281 18.63 -15.86 5.01
C THR A 281 19.29 -17.09 4.39
N ALA A 282 19.59 -16.99 3.10
CA ALA A 282 20.08 -18.11 2.28
C ALA A 282 21.47 -18.61 2.65
N HIS A 283 22.34 -17.72 3.15
CA HIS A 283 23.74 -18.12 3.36
C HIS A 283 24.12 -18.25 4.85
N HIS A 284 23.14 -18.23 5.78
CA HIS A 284 23.44 -18.52 7.17
C HIS A 284 23.79 -20.03 7.26
N PRO A 285 24.76 -20.46 8.13
CA PRO A 285 25.16 -21.88 8.15
C PRO A 285 24.05 -22.89 8.41
N MSE A 286 22.97 -22.49 9.11
CA MSE A 286 21.86 -23.38 9.45
C MSE A 286 20.68 -23.27 8.43
O MSE A 286 19.59 -23.75 8.71
CB MSE A 286 21.36 -23.09 10.87
CG MSE A 286 22.36 -23.59 11.94
SE MSE A 286 22.83 -25.51 11.74
CE MSE A 286 21.32 -26.25 12.68
N PHE A 287 20.93 -22.69 7.26
CA PHE A 287 19.89 -22.52 6.22
C PHE A 287 19.05 -23.80 5.97
N LYS A 288 19.69 -24.94 5.64
CA LYS A 288 18.99 -26.17 5.26
C LYS A 288 17.92 -26.58 6.30
N PRO A 289 18.22 -26.77 7.61
CA PRO A 289 17.13 -27.13 8.53
C PRO A 289 16.18 -25.96 8.83
N VAL A 290 16.68 -24.69 8.86
CA VAL A 290 15.87 -23.49 9.19
C VAL A 290 14.77 -23.25 8.15
N VAL A 291 15.10 -23.28 6.84
CA VAL A 291 14.10 -23.04 5.80
C VAL A 291 12.95 -24.08 5.92
N VAL A 292 13.27 -25.32 6.31
CA VAL A 292 12.27 -26.39 6.43
C VAL A 292 11.41 -26.15 7.68
N HIS A 293 12.03 -25.71 8.81
CA HIS A 293 11.28 -25.34 10.01
C HIS A 293 10.24 -24.25 9.67
N GLU A 294 10.67 -23.19 8.91
CA GLU A 294 9.79 -22.08 8.53
C GLU A 294 8.69 -22.54 7.59
N PHE A 295 9.05 -23.41 6.61
CA PHE A 295 8.07 -23.99 5.69
C PHE A 295 7.02 -24.82 6.49
N GLY A 296 7.43 -25.39 7.63
CA GLY A 296 6.55 -26.09 8.57
C GLY A 296 5.40 -25.18 8.99
N HIS A 297 5.71 -23.90 9.26
CA HIS A 297 4.71 -22.88 9.57
C HIS A 297 3.93 -22.45 8.34
N SER A 298 4.64 -21.90 7.32
CA SER A 298 3.99 -21.27 6.15
C SER A 298 3.18 -22.27 5.31
N PHE A 299 3.68 -23.51 5.09
CA PHE A 299 2.90 -24.50 4.33
C PHE A 299 2.11 -25.43 5.28
N GLY A 300 2.78 -25.98 6.28
CA GLY A 300 2.16 -26.95 7.18
C GLY A 300 1.19 -26.39 8.20
N GLY A 301 1.31 -25.09 8.50
CA GLY A 301 0.49 -24.44 9.51
C GLY A 301 0.82 -24.97 10.90
N LEU A 302 2.04 -25.53 11.06
CA LEU A 302 2.52 -26.10 12.32
C LEU A 302 2.95 -25.00 13.31
N ALA A 303 2.86 -25.30 14.62
CA ALA A 303 3.29 -24.37 15.67
C ALA A 303 4.71 -24.65 16.08
N ASP A 304 5.33 -23.70 16.80
CA ASP A 304 6.64 -23.97 17.40
C ASP A 304 6.44 -24.90 18.58
N GLU A 305 7.28 -25.94 18.69
CA GLU A 305 7.18 -26.91 19.78
C GLU A 305 8.15 -26.57 20.91
N TYR A 306 9.02 -25.53 20.73
CA TYR A 306 9.94 -25.16 21.83
C TYR A 306 9.15 -24.38 22.87
N PHE A 307 9.58 -24.43 24.12
CA PHE A 307 8.78 -23.83 25.18
C PHE A 307 9.47 -22.66 25.81
N TYR A 308 10.50 -22.16 25.13
CA TYR A 308 11.13 -20.93 25.53
C TYR A 308 10.42 -19.80 24.79
N ASP A 309 10.30 -18.64 25.46
CA ASP A 309 9.61 -17.46 24.93
C ASP A 309 10.26 -16.92 23.63
N ASN A 310 9.39 -16.55 22.68
CA ASN A 310 9.76 -15.93 21.40
C ASN A 310 9.49 -14.42 21.52
N ASP A 311 10.38 -13.57 20.95
CA ASP A 311 10.27 -12.10 20.99
C ASP A 311 8.94 -11.56 20.38
N VAL A 312 8.63 -11.89 19.12
CA VAL A 312 7.46 -11.45 18.36
C VAL A 312 6.14 -12.18 18.74
N MSE A 313 6.22 -13.27 19.55
CA MSE A 313 5.05 -14.05 19.94
C MSE A 313 4.64 -13.76 21.39
O MSE A 313 5.21 -14.36 22.32
CB MSE A 313 5.30 -15.55 19.73
CG MSE A 313 5.86 -15.92 18.34
SE MSE A 313 4.68 -15.58 16.82
CE MSE A 313 3.38 -17.02 17.02
N THR A 314 3.64 -12.85 21.58
CA THR A 314 3.12 -12.44 22.90
C THR A 314 1.67 -12.96 23.16
N ASP A 315 1.49 -13.73 24.29
CA ASP A 315 0.25 -14.35 24.82
C ASP A 315 -0.54 -15.09 23.71
N THR A 316 0.20 -15.89 22.93
CA THR A 316 -0.29 -16.56 21.74
C THR A 316 -1.26 -17.71 22.04
N TYR A 317 -1.07 -18.49 23.13
CA TYR A 317 -1.96 -19.63 23.35
C TYR A 317 -2.63 -19.64 24.73
N PRO A 318 -3.90 -19.16 24.84
CA PRO A 318 -4.63 -19.27 26.12
C PRO A 318 -4.73 -20.74 26.52
N LEU A 319 -4.49 -21.06 27.80
CA LEU A 319 -4.46 -22.44 28.28
C LEU A 319 -5.83 -23.10 28.32
N ASP A 320 -6.92 -22.29 28.33
CA ASP A 320 -8.28 -22.80 28.35
C ASP A 320 -8.88 -22.92 26.92
N VAL A 321 -8.05 -22.74 25.87
CA VAL A 321 -8.51 -22.84 24.47
C VAL A 321 -7.66 -23.88 23.73
N GLU A 322 -8.29 -24.75 22.92
CA GLU A 322 -7.53 -25.71 22.12
C GLU A 322 -6.92 -24.98 20.93
N PRO A 323 -5.58 -24.98 20.75
CA PRO A 323 -5.01 -24.31 19.56
C PRO A 323 -5.50 -24.97 18.26
N TRP A 324 -5.59 -24.20 17.17
CA TRP A 324 -6.01 -24.78 15.88
C TRP A 324 -4.84 -25.56 15.26
N GLU A 325 -3.57 -25.27 15.69
CA GLU A 325 -2.37 -25.96 15.19
C GLU A 325 -2.42 -27.40 15.67
N GLN A 326 -2.05 -28.32 14.79
CA GLN A 326 -2.15 -29.76 14.93
C GLN A 326 -1.08 -30.43 15.76
N ASN A 327 0.09 -29.80 15.94
CA ASN A 327 1.24 -30.38 16.64
C ASN A 327 1.45 -29.88 18.09
N ILE A 328 0.50 -29.11 18.63
CA ILE A 328 0.54 -28.67 20.04
C ILE A 328 -0.88 -28.80 20.58
N SER A 329 -1.02 -28.98 21.91
CA SER A 329 -2.35 -29.10 22.54
C SER A 329 -2.33 -28.55 23.95
N THR A 330 -3.45 -27.95 24.38
CA THR A 330 -3.68 -27.47 25.75
C THR A 330 -4.50 -28.50 26.53
N ARG A 331 -4.80 -29.66 25.91
CA ARG A 331 -5.63 -30.75 26.44
C ARG A 331 -7.06 -30.21 26.79
N VAL A 332 -7.61 -29.34 25.93
CA VAL A 332 -8.95 -28.80 26.02
C VAL A 332 -9.84 -29.69 25.13
N ASN A 333 -9.32 -30.03 23.94
CA ASN A 333 -9.98 -30.91 22.96
C ASN A 333 -8.89 -31.79 22.32
N PHE A 334 -8.25 -32.63 23.15
CA PHE A 334 -7.16 -33.49 22.74
C PHE A 334 -7.59 -34.54 21.71
N ALA A 335 -8.87 -34.99 21.71
CA ALA A 335 -9.37 -35.98 20.74
C ALA A 335 -9.30 -35.43 19.30
N SER A 336 -9.27 -34.10 19.13
CA SER A 336 -9.13 -33.47 17.80
C SER A 336 -7.66 -33.44 17.37
N LYS A 337 -6.74 -33.86 18.27
CA LYS A 337 -5.32 -33.83 17.99
C LYS A 337 -4.74 -35.23 17.76
N TRP A 338 -3.72 -35.63 18.54
CA TRP A 338 -3.05 -36.91 18.28
C TRP A 338 -3.36 -38.00 19.29
N LYS A 339 -4.54 -37.88 19.97
CA LYS A 339 -5.03 -38.92 20.89
CA LYS A 339 -5.04 -38.92 20.90
C LYS A 339 -5.10 -40.28 20.20
N ASP A 340 -5.54 -40.29 18.92
CA ASP A 340 -5.67 -41.52 18.10
C ASP A 340 -4.32 -42.13 17.70
N MSE A 341 -3.19 -41.44 17.97
CA MSE A 341 -1.85 -41.95 17.68
C MSE A 341 -1.08 -42.28 18.97
O MSE A 341 0.05 -42.74 18.92
CB MSE A 341 -1.05 -40.91 16.89
CG MSE A 341 -1.43 -40.87 15.45
SE MSE A 341 -0.40 -39.51 14.53
CE MSE A 341 1.33 -40.38 14.49
N LEU A 342 -1.67 -41.97 20.11
CA LEU A 342 -1.06 -42.21 21.41
C LEU A 342 -1.28 -43.71 21.82
N PRO A 343 -0.21 -44.48 22.09
CA PRO A 343 -0.39 -45.89 22.46
C PRO A 343 -1.24 -46.04 23.70
N SER A 344 -1.95 -47.19 23.79
CA SER A 344 -2.80 -47.56 24.91
C SER A 344 -1.98 -47.47 26.19
N GLY A 345 -2.51 -46.77 27.17
CA GLY A 345 -1.88 -46.69 28.48
C GLY A 345 -0.65 -45.84 28.63
N ALA A 346 -0.40 -44.97 27.65
CA ALA A 346 0.73 -44.04 27.69
C ALA A 346 0.50 -43.04 28.83
N PRO A 347 1.53 -42.79 29.68
CA PRO A 347 1.35 -41.81 30.76
C PRO A 347 1.21 -40.40 30.21
N ILE A 348 0.34 -39.60 30.83
CA ILE A 348 0.11 -38.20 30.48
C ILE A 348 0.33 -37.35 31.76
N PRO A 349 1.31 -36.41 31.77
CA PRO A 349 2.30 -36.14 30.71
C PRO A 349 3.31 -37.30 30.60
N THR A 350 3.95 -37.42 29.43
CA THR A 350 4.94 -38.47 29.22
C THR A 350 6.26 -38.03 29.92
N PRO A 351 6.79 -38.79 30.92
CA PRO A 351 8.06 -38.38 31.55
C PRO A 351 9.19 -38.38 30.54
N ILE A 352 10.04 -37.34 30.62
CA ILE A 352 11.16 -37.18 29.69
C ILE A 352 12.10 -38.39 29.73
N ALA A 353 12.28 -39.03 30.90
CA ALA A 353 13.12 -40.23 31.04
C ALA A 353 12.62 -41.41 30.19
N GLU A 354 11.34 -41.36 29.73
CA GLU A 354 10.68 -42.44 28.98
C GLU A 354 10.59 -42.14 27.49
N LYS A 355 11.30 -41.12 27.01
CA LYS A 355 11.20 -40.65 25.63
C LYS A 355 11.49 -41.73 24.57
N LYS A 356 12.39 -42.69 24.87
CA LYS A 356 12.72 -43.77 23.95
C LYS A 356 11.55 -44.76 23.82
N LYS A 357 10.79 -44.92 24.90
CA LYS A 357 9.61 -45.80 24.90
C LYS A 357 8.43 -45.14 24.17
N TYR A 358 8.40 -43.79 24.12
CA TYR A 358 7.25 -43.10 23.52
C TYR A 358 7.63 -42.11 22.41
N PRO A 359 7.90 -42.60 21.17
CA PRO A 359 8.17 -41.67 20.05
C PRO A 359 7.01 -40.70 19.83
N VAL A 360 5.79 -41.11 20.26
CA VAL A 360 4.57 -40.31 20.28
C VAL A 360 4.06 -40.34 21.73
N GLY A 361 4.14 -39.19 22.39
CA GLY A 361 3.68 -39.04 23.76
C GLY A 361 2.92 -37.73 23.96
N VAL A 362 2.77 -37.32 25.22
CA VAL A 362 2.15 -36.04 25.56
C VAL A 362 3.18 -35.33 26.43
N TYR A 363 4.14 -34.68 25.78
CA TYR A 363 5.28 -34.05 26.42
C TYR A 363 4.96 -32.63 26.79
N GLU A 364 5.07 -32.32 28.10
CA GLU A 364 4.78 -30.97 28.59
C GLU A 364 5.85 -29.99 28.13
N GLY A 365 5.38 -28.88 27.54
CA GLY A 365 6.22 -27.84 26.99
C GLY A 365 6.04 -27.74 25.48
N GLY A 366 5.70 -26.54 25.03
CA GLY A 366 5.51 -26.26 23.61
C GLY A 366 4.76 -24.97 23.45
N GLY A 367 4.72 -24.46 22.22
CA GLY A 367 4.01 -23.22 21.94
C GLY A 367 4.43 -22.08 22.85
N TYR A 368 5.75 -21.99 23.17
CA TYR A 368 6.41 -20.93 23.97
C TYR A 368 6.10 -21.03 25.48
N SER A 369 5.46 -22.13 25.96
CA SER A 369 5.18 -22.30 27.41
C SER A 369 5.66 -23.64 27.92
N ALA A 370 6.37 -23.63 29.08
CA ALA A 370 6.87 -24.87 29.69
C ALA A 370 5.74 -25.69 30.35
N LYS A 371 4.63 -25.04 30.72
CA LYS A 371 3.50 -25.72 31.38
C LYS A 371 2.17 -25.42 30.72
N GLY A 372 1.25 -26.38 30.75
CA GLY A 372 -0.10 -26.20 30.21
C GLY A 372 -0.22 -26.44 28.71
N ILE A 373 0.90 -26.44 27.99
CA ILE A 373 0.93 -26.72 26.55
C ILE A 373 1.81 -27.98 26.37
N TYR A 374 1.40 -28.86 25.44
CA TYR A 374 2.01 -30.17 25.21
C TYR A 374 2.35 -30.34 23.73
N ARG A 375 3.40 -31.11 23.48
CA ARG A 375 3.92 -31.42 22.15
C ARG A 375 3.96 -32.97 21.96
N PRO A 376 3.99 -33.47 20.71
CA PRO A 376 3.79 -34.91 20.51
C PRO A 376 5.03 -35.79 20.66
N ALA A 377 6.22 -35.18 20.71
CA ALA A 377 7.47 -35.95 20.84
C ALA A 377 8.46 -35.16 21.67
N TYR A 378 9.47 -35.85 22.22
CA TYR A 378 10.46 -35.15 23.04
C TYR A 378 11.13 -34.03 22.23
N ASP A 379 11.42 -34.30 20.94
CA ASP A 379 12.09 -33.35 20.04
C ASP A 379 11.53 -33.52 18.62
N CYS A 380 11.77 -32.53 17.78
CA CYS A 380 11.17 -32.39 16.44
C CYS A 380 11.81 -31.23 15.74
N ARG A 381 11.68 -31.16 14.40
CA ARG A 381 12.21 -30.01 13.68
CA ARG A 381 12.15 -30.03 13.60
C ARG A 381 11.41 -28.74 14.05
N MSE A 382 10.16 -28.89 14.56
CA MSE A 382 9.37 -27.72 15.01
C MSE A 382 9.82 -27.27 16.40
O MSE A 382 9.38 -26.21 16.85
CB MSE A 382 7.84 -28.01 14.95
CG MSE A 382 7.32 -28.20 13.50
SE MSE A 382 8.05 -26.85 12.21
CE MSE A 382 7.30 -25.20 13.02
N LYS A 383 10.69 -28.07 17.09
CA LYS A 383 11.23 -27.71 18.40
C LYS A 383 12.66 -27.14 18.26
N THR A 384 13.56 -27.88 17.54
CA THR A 384 14.97 -27.47 17.41
C THR A 384 15.44 -27.59 15.95
N ASN A 385 16.45 -26.80 15.59
CA ASN A 385 17.03 -26.85 14.26
C ASN A 385 17.97 -28.04 14.13
N GLU A 386 18.50 -28.56 15.26
CA GLU A 386 19.52 -29.61 15.28
C GLU A 386 18.96 -31.01 15.27
N TYR A 387 17.66 -31.20 15.63
CA TYR A 387 17.03 -32.53 15.58
C TYR A 387 16.85 -32.92 14.09
N PRO A 388 17.03 -34.20 13.68
CA PRO A 388 17.03 -34.55 12.25
C PRO A 388 15.70 -34.56 11.46
N GLU A 389 14.53 -34.64 12.12
CA GLU A 389 13.29 -34.81 11.36
C GLU A 389 12.08 -34.24 12.04
N PHE A 390 10.96 -34.19 11.29
CA PHE A 390 9.65 -33.85 11.88
C PHE A 390 9.20 -35.02 12.73
N CYS A 391 8.53 -34.74 13.86
CA CYS A 391 8.01 -35.80 14.72
C CYS A 391 6.85 -36.52 13.98
N PRO A 392 6.42 -37.72 14.42
CA PRO A 392 5.36 -38.45 13.66
C PRO A 392 4.04 -37.69 13.50
N VAL A 393 3.68 -36.82 14.45
CA VAL A 393 2.41 -36.06 14.41
C VAL A 393 2.52 -34.93 13.41
N CYS A 394 3.72 -34.26 13.33
CA CYS A 394 3.98 -33.21 12.34
C CYS A 394 3.96 -33.85 10.96
N GLN A 395 4.55 -35.07 10.83
CA GLN A 395 4.55 -35.78 9.55
C GLN A 395 3.14 -36.12 9.09
N ARG A 396 2.26 -36.62 10.01
CA ARG A 396 0.86 -36.91 9.66
C ARG A 396 0.16 -35.63 9.21
N ALA A 397 0.33 -34.52 9.98
CA ALA A 397 -0.27 -33.20 9.69
C ALA A 397 0.15 -32.70 8.32
N ILE A 398 1.44 -32.86 7.94
CA ILE A 398 1.96 -32.46 6.61
C ILE A 398 1.36 -33.38 5.53
N ARG A 399 1.26 -34.71 5.78
CA ARG A 399 0.62 -35.64 4.82
C ARG A 399 -0.83 -35.21 4.58
N ARG A 400 -1.54 -34.82 5.65
CA ARG A 400 -2.94 -34.35 5.55
C ARG A 400 -3.04 -33.07 4.74
N MSE A 401 -2.08 -32.13 4.92
CA MSE A 401 -2.05 -30.87 4.15
C MSE A 401 -1.94 -31.21 2.65
O MSE A 401 -2.74 -30.73 1.87
CB MSE A 401 -0.88 -29.97 4.60
CG MSE A 401 -0.97 -29.49 6.04
SE MSE A 401 -2.67 -28.57 6.49
CE MSE A 401 -2.53 -27.13 5.15
N ILE A 402 -0.95 -32.07 2.27
CA ILE A 402 -0.69 -32.46 0.88
C ILE A 402 -1.92 -33.19 0.27
N GLU A 403 -2.50 -34.17 1.01
CA GLU A 403 -3.68 -34.94 0.58
C GLU A 403 -4.90 -34.04 0.40
N PHE A 404 -5.00 -32.99 1.23
CA PHE A 404 -6.09 -32.04 1.15
C PHE A 404 -5.97 -31.20 -0.13
N TYR A 405 -4.75 -30.69 -0.42
CA TYR A 405 -4.52 -29.80 -1.55
C TYR A 405 -4.52 -30.50 -2.90
N VAL A 406 -3.99 -31.75 -3.00
CA VAL A 406 -3.93 -32.46 -4.29
C VAL A 406 -4.37 -33.93 -4.16
N PRO A 407 -5.12 -34.48 -5.14
CA PRO A 407 -5.53 -35.91 -5.05
C PRO A 407 -4.37 -36.91 -5.07
N GLY B 1 8.33 35.93 15.53
CA GLY B 1 7.98 34.93 14.53
C GLY B 1 8.67 33.60 14.77
N GLN B 2 8.04 32.49 14.34
CA GLN B 2 8.60 31.15 14.54
C GLN B 2 9.79 30.92 13.60
N ASN B 3 10.97 30.72 14.19
CA ASN B 3 12.20 30.45 13.43
CA ASN B 3 12.19 30.45 13.42
C ASN B 3 12.18 28.96 13.06
N PHE B 4 12.56 28.61 11.82
CA PHE B 4 12.56 27.21 11.36
C PHE B 4 13.40 26.30 12.28
N ALA B 5 14.65 26.73 12.58
CA ALA B 5 15.65 25.99 13.38
C ALA B 5 15.22 25.74 14.82
N ASP B 6 14.18 26.44 15.32
CA ASP B 6 13.71 26.25 16.69
C ASP B 6 13.23 24.81 16.93
N TYR B 7 12.48 24.24 15.97
CA TYR B 7 11.91 22.90 16.11
C TYR B 7 12.35 21.93 15.06
N PHE B 8 12.88 22.43 13.94
CA PHE B 8 13.18 21.54 12.82
C PHE B 8 14.62 21.54 12.34
N GLN B 9 14.98 20.39 11.75
CA GLN B 9 16.21 20.06 11.02
C GLN B 9 15.98 20.32 9.53
N ASN B 10 17.04 20.55 8.74
CA ASN B 10 16.90 20.74 7.28
C ASN B 10 16.82 19.35 6.60
N LYS B 11 15.78 18.58 6.96
CA LYS B 11 15.45 17.25 6.43
CA LYS B 11 15.45 17.25 6.45
C LYS B 11 13.94 17.15 6.37
N THR B 12 13.41 16.10 5.70
CA THR B 12 11.96 15.92 5.59
C THR B 12 11.51 14.69 6.33
N LEU B 13 10.44 14.86 7.12
CA LEU B 13 9.71 13.76 7.73
C LEU B 13 8.55 13.45 6.75
N ARG B 14 8.69 12.40 5.94
CA ARG B 14 7.64 11.98 5.03
C ARG B 14 6.71 10.99 5.74
N VAL B 15 5.39 11.21 5.64
CA VAL B 15 4.45 10.30 6.27
C VAL B 15 3.51 9.71 5.21
N ASP B 16 3.48 8.37 5.14
CA ASP B 16 2.57 7.66 4.26
C ASP B 16 1.44 7.13 5.11
N TYR B 17 0.22 7.54 4.77
CA TYR B 17 -1.01 7.08 5.43
C TYR B 17 -1.83 6.23 4.52
N ILE B 18 -2.84 5.57 5.09
CA ILE B 18 -3.90 4.88 4.38
C ILE B 18 -5.18 5.60 4.79
N PHE B 19 -5.90 6.15 3.81
CA PHE B 19 -7.20 6.79 4.03
C PHE B 19 -8.24 5.75 3.69
N THR B 20 -9.08 5.40 4.66
CA THR B 20 -10.04 4.30 4.46
C THR B 20 -11.48 4.70 4.70
N GLY B 21 -12.37 3.92 4.14
CA GLY B 21 -13.78 4.10 4.42
C GLY B 21 -14.71 3.82 3.27
N ASP B 22 -15.91 4.36 3.40
CA ASP B 22 -16.99 4.28 2.44
C ASP B 22 -17.87 5.52 2.63
N ALA B 23 -19.05 5.59 2.00
CA ALA B 23 -19.95 6.75 2.09
C ALA B 23 -20.45 7.05 3.53
N THR B 24 -20.44 6.05 4.44
CA THR B 24 -20.96 6.21 5.82
C THR B 24 -19.87 6.47 6.89
N GLN B 25 -18.68 5.89 6.75
CA GLN B 25 -17.60 6.02 7.74
C GLN B 25 -16.23 6.18 7.10
N GLN B 26 -15.32 6.87 7.81
CA GLN B 26 -13.95 7.10 7.34
CA GLN B 26 -13.96 7.13 7.35
C GLN B 26 -12.98 6.95 8.50
N ALA B 27 -11.75 6.48 8.19
CA ALA B 27 -10.70 6.27 9.19
C ALA B 27 -9.32 6.42 8.54
N ILE B 28 -8.33 6.85 9.30
CA ILE B 28 -6.95 7.05 8.83
C ILE B 28 -6.02 6.14 9.63
N TYR B 29 -5.03 5.56 8.96
CA TYR B 29 -4.05 4.69 9.61
C TYR B 29 -2.67 5.02 9.10
N LEU B 30 -1.66 4.83 9.91
CA LEU B 30 -0.29 5.05 9.47
C LEU B 30 0.20 3.85 8.65
N ASP B 31 0.95 4.12 7.55
CA ASP B 31 1.59 3.07 6.80
C ASP B 31 3.07 3.04 7.23
N GLU B 32 3.85 4.09 6.88
CA GLU B 32 5.29 4.16 7.17
C GLU B 32 5.80 5.59 7.21
N LEU B 33 6.82 5.83 8.06
CA LEU B 33 7.56 7.07 8.16
C LEU B 33 8.83 6.93 7.34
N SER B 34 9.21 7.98 6.61
CA SER B 34 10.43 8.05 5.83
C SER B 34 11.16 9.35 6.11
N GLN B 35 12.45 9.39 5.80
CA GLN B 35 13.22 10.61 5.90
C GLN B 35 13.81 10.94 4.52
N LEU B 36 13.78 12.24 4.12
CA LEU B 36 14.40 12.78 2.90
C LEU B 36 15.57 13.65 3.36
N PRO B 37 16.69 13.68 2.61
CA PRO B 37 17.90 14.35 3.12
C PRO B 37 17.83 15.86 3.31
N THR B 38 16.86 16.55 2.70
CA THR B 38 16.71 18.00 2.85
C THR B 38 15.25 18.35 3.02
N TRP B 39 14.98 19.58 3.50
CA TRP B 39 13.63 20.17 3.58
C TRP B 39 13.49 21.19 2.46
N ALA B 40 12.61 20.89 1.50
CA ALA B 40 12.37 21.75 0.34
C ALA B 40 11.20 22.72 0.57
N GLY B 41 10.46 22.57 1.65
CA GLY B 41 9.29 23.39 1.92
C GLY B 41 9.54 24.72 2.61
N ARG B 42 8.46 25.28 3.20
CA ARG B 42 8.44 26.59 3.88
C ARG B 42 9.47 26.72 4.97
N GLN B 43 10.00 27.92 5.11
CA GLN B 43 10.93 28.32 6.18
C GLN B 43 10.21 29.33 7.08
N HIS B 44 9.09 29.88 6.57
CA HIS B 44 8.27 30.94 7.19
C HIS B 44 6.81 30.58 7.11
N HIS B 45 5.93 31.23 7.94
CA HIS B 45 4.48 30.96 7.98
C HIS B 45 4.23 29.47 8.30
N LEU B 46 5.12 28.89 9.12
CA LEU B 46 5.12 27.47 9.44
C LEU B 46 3.83 26.99 10.08
N SER B 47 3.30 27.75 11.06
CA SER B 47 2.09 27.37 11.76
C SER B 47 0.82 28.09 11.23
N GLU B 48 0.71 28.20 9.91
CA GLU B 48 -0.49 28.76 9.29
C GLU B 48 -0.79 28.02 8.02
N LEU B 49 -1.99 28.26 7.48
CA LEU B 49 -2.47 27.65 6.26
C LEU B 49 -2.76 28.70 5.20
N PRO B 50 -2.45 28.40 3.91
CA PRO B 50 -2.80 29.35 2.85
C PRO B 50 -4.28 29.21 2.46
N LEU B 51 -4.84 27.99 2.65
CA LEU B 51 -6.22 27.59 2.34
C LEU B 51 -6.70 26.55 3.34
N GLU B 52 -8.05 26.40 3.55
CA GLU B 52 -8.54 25.35 4.47
C GLU B 52 -8.27 23.97 3.93
N GLY B 53 -8.51 23.80 2.62
CA GLY B 53 -8.44 22.49 1.97
C GLY B 53 -9.60 21.63 2.46
N ASN B 54 -9.60 20.34 2.08
CA ASN B 54 -10.58 19.36 2.53
C ASN B 54 -9.95 18.46 3.58
N GLY B 55 -8.66 18.69 3.83
CA GLY B 55 -7.87 17.92 4.76
C GLY B 55 -6.72 18.74 5.29
N GLN B 56 -6.31 18.48 6.54
CA GLN B 56 -5.23 19.21 7.17
C GLN B 56 -4.34 18.29 7.98
N ILE B 57 -3.07 18.66 8.06
CA ILE B 57 -2.07 18.02 8.90
C ILE B 57 -1.53 19.11 9.80
N ILE B 58 -1.68 18.92 11.12
CA ILE B 58 -1.19 19.84 12.16
C ILE B 58 -0.07 19.11 12.91
N VAL B 59 1.12 19.73 12.98
CA VAL B 59 2.26 19.19 13.72
C VAL B 59 2.40 20.01 15.02
N LYS B 60 2.39 19.31 16.17
CA LYS B 60 2.55 19.95 17.47
C LYS B 60 3.80 19.43 18.16
N ASP B 61 4.54 20.31 18.86
CA ASP B 61 5.68 19.87 19.69
C ASP B 61 5.09 18.97 20.76
N LEU B 62 5.62 17.75 20.95
CA LEU B 62 5.02 16.81 21.90
C LEU B 62 4.98 17.36 23.34
N ALA B 63 6.10 17.90 23.84
CA ALA B 63 6.19 18.40 25.23
C ALA B 63 5.24 19.58 25.50
N SER B 64 5.22 20.62 24.63
CA SER B 64 4.43 21.83 24.86
C SER B 64 3.05 21.84 24.20
N LYS B 65 2.84 21.02 23.15
CA LYS B 65 1.59 20.94 22.36
C LYS B 65 1.43 22.21 21.53
N GLN B 66 2.53 22.99 21.37
CA GLN B 66 2.55 24.19 20.54
C GLN B 66 2.52 23.77 19.07
N CYS B 67 1.61 24.38 18.30
CA CYS B 67 1.49 24.11 16.88
CA CYS B 67 1.49 24.15 16.86
C CYS B 67 2.75 24.66 16.17
N ILE B 68 3.48 23.79 15.46
CA ILE B 68 4.75 24.19 14.84
C ILE B 68 4.79 24.03 13.32
N TYR B 69 3.80 23.34 12.75
CA TYR B 69 3.66 23.18 11.31
C TYR B 69 2.23 22.87 10.94
N GLN B 70 1.76 23.45 9.86
CA GLN B 70 0.43 23.20 9.32
C GLN B 70 0.49 23.08 7.81
N THR B 71 -0.25 22.11 7.23
CA THR B 71 -0.37 21.97 5.77
C THR B 71 -1.80 21.50 5.44
N SER B 72 -2.35 21.93 4.31
CA SER B 72 -3.70 21.54 3.90
C SER B 72 -3.67 20.93 2.52
N PHE B 73 -4.73 20.19 2.17
CA PHE B 73 -4.78 19.42 0.94
C PHE B 73 -6.18 18.99 0.63
N SER B 74 -6.32 18.34 -0.51
CA SER B 74 -7.47 17.58 -0.91
C SER B 74 -6.95 16.24 -1.44
N SER B 75 -7.81 15.23 -1.60
CA SER B 75 -7.32 13.89 -1.96
C SER B 75 -8.21 13.19 -2.95
N LEU B 76 -7.64 12.21 -3.70
CA LEU B 76 -8.39 11.36 -4.61
C LEU B 76 -9.44 10.58 -3.80
N PHE B 77 -9.06 10.12 -2.60
CA PHE B 77 -9.95 9.39 -1.67
C PHE B 77 -11.28 10.14 -1.47
N GLN B 78 -11.22 11.45 -1.19
CA GLN B 78 -12.39 12.28 -0.94
C GLN B 78 -13.28 12.41 -2.17
N GLU B 79 -12.71 12.37 -3.40
CA GLU B 79 -13.52 12.31 -4.62
C GLU B 79 -14.20 10.95 -4.71
N TRP B 80 -13.46 9.86 -4.43
CA TRP B 80 -13.98 8.49 -4.48
C TRP B 80 -15.19 8.30 -3.56
N LEU B 81 -15.19 8.97 -2.38
CA LEU B 81 -16.26 8.87 -1.38
C LEU B 81 -17.67 9.25 -1.95
N SER B 82 -17.73 10.01 -3.04
CA SER B 82 -19.01 10.39 -3.64
C SER B 82 -19.39 9.47 -4.81
N THR B 83 -18.60 8.41 -5.08
CA THR B 83 -18.89 7.50 -6.20
C THR B 83 -19.80 6.36 -5.76
N ASP B 84 -20.41 5.66 -6.74
CA ASP B 84 -21.31 4.52 -6.51
C ASP B 84 -20.64 3.41 -5.73
N GLU B 85 -19.36 3.13 -6.05
CA GLU B 85 -18.60 2.08 -5.38
C GLU B 85 -18.49 2.32 -3.86
N ALA B 86 -18.33 3.58 -3.40
CA ALA B 86 -18.18 3.92 -1.98
C ALA B 86 -19.46 3.65 -1.16
N LYS B 87 -20.62 3.51 -1.84
CA LYS B 87 -21.88 3.19 -1.17
C LYS B 87 -21.94 1.71 -0.78
N GLU B 88 -21.14 0.83 -1.44
CA GLU B 88 -21.22 -0.61 -1.21
C GLU B 88 -19.91 -1.27 -0.75
N THR B 89 -18.72 -0.69 -1.08
CA THR B 89 -17.44 -1.34 -0.78
C THR B 89 -16.46 -0.39 -0.09
N ALA B 90 -16.06 -0.72 1.17
CA ALA B 90 -15.09 0.09 1.92
C ALA B 90 -13.67 -0.17 1.40
N LYS B 91 -12.94 0.90 1.09
CA LYS B 91 -11.60 0.77 0.50
C LYS B 91 -10.56 1.60 1.22
N GLY B 92 -9.28 1.30 0.94
CA GLY B 92 -8.13 2.04 1.45
C GLY B 92 -7.35 2.70 0.34
N PHE B 93 -6.86 3.93 0.58
CA PHE B 93 -6.15 4.76 -0.39
C PHE B 93 -4.83 5.26 0.15
N GLU B 94 -3.76 5.20 -0.67
CA GLU B 94 -2.42 5.74 -0.31
C GLU B 94 -2.41 7.27 -0.34
N ASN B 95 -1.95 7.89 0.73
CA ASN B 95 -1.83 9.36 0.82
C ASN B 95 -0.52 9.71 1.51
N THR B 96 0.35 10.48 0.82
CA THR B 96 1.68 10.87 1.31
C THR B 96 1.74 12.37 1.57
N PHE B 97 2.36 12.77 2.71
CA PHE B 97 2.56 14.17 3.03
C PHE B 97 4.00 14.40 3.53
N LEU B 98 4.53 15.60 3.24
CA LEU B 98 5.88 16.00 3.63
C LEU B 98 5.81 17.02 4.76
N LEU B 99 6.57 16.76 5.82
CA LEU B 99 6.66 17.60 7.02
C LEU B 99 8.11 17.94 7.31
N PRO B 100 8.43 19.11 7.93
CA PRO B 100 9.84 19.36 8.29
C PRO B 100 10.27 18.36 9.38
N TYR B 101 11.51 17.85 9.29
CA TYR B 101 12.00 16.83 10.22
C TYR B 101 12.23 17.45 11.60
N PRO B 102 11.57 16.90 12.66
CA PRO B 102 11.70 17.51 13.99
C PRO B 102 12.98 17.15 14.72
N LYS B 103 13.47 18.08 15.58
CA LYS B 103 14.63 17.87 16.45
C LYS B 103 14.23 16.99 17.63
N GLN B 104 12.96 17.14 18.07
CA GLN B 104 12.41 16.44 19.22
C GLN B 104 11.09 15.75 18.87
N PRO B 105 10.56 14.84 19.74
CA PRO B 105 9.27 14.19 19.42
C PRO B 105 8.12 15.17 19.12
N VAL B 106 7.28 14.77 18.17
CA VAL B 106 6.12 15.54 17.75
C VAL B 106 4.87 14.69 17.80
N GLU B 107 3.72 15.36 17.85
CA GLU B 107 2.39 14.78 17.73
C GLU B 107 1.86 15.27 16.38
N VAL B 108 1.61 14.34 15.45
CA VAL B 108 1.10 14.66 14.11
C VAL B 108 -0.41 14.35 14.07
N GLU B 109 -1.25 15.32 13.66
CA GLU B 109 -2.69 15.09 13.58
CA GLU B 109 -2.70 15.10 13.60
C GLU B 109 -3.23 15.42 12.21
N VAL B 110 -3.87 14.40 11.61
CA VAL B 110 -4.52 14.46 10.29
C VAL B 110 -6.01 14.54 10.51
N THR B 111 -6.68 15.43 9.79
CA THR B 111 -8.12 15.58 9.85
C THR B 111 -8.67 15.72 8.43
N LEU B 112 -9.76 14.99 8.15
CA LEU B 112 -10.47 15.06 6.88
C LEU B 112 -11.81 15.72 7.12
N TYR B 113 -12.16 16.68 6.25
CA TYR B 113 -13.40 17.44 6.36
C TYR B 113 -14.36 17.17 5.22
N SER B 114 -15.66 17.20 5.51
CA SER B 114 -16.72 17.00 4.52
C SER B 114 -16.95 18.29 3.73
N PRO B 115 -17.73 18.27 2.60
CA PRO B 115 -18.03 19.53 1.90
C PRO B 115 -18.80 20.55 2.78
N ARG B 116 -19.31 20.12 3.94
CA ARG B 116 -20.02 20.98 4.89
C ARG B 116 -19.07 21.43 6.03
N LYS B 117 -17.73 21.23 5.87
CA LYS B 117 -16.66 21.59 6.82
C LYS B 117 -16.75 20.78 8.14
N LYS B 118 -17.47 19.65 8.12
CA LYS B 118 -17.62 18.77 9.28
C LYS B 118 -16.45 17.77 9.31
N THR B 119 -15.94 17.46 10.51
CA THR B 119 -14.85 16.48 10.70
C THR B 119 -15.39 15.08 10.34
N MSE B 120 -14.74 14.40 9.35
CA MSE B 120 -15.08 13.06 8.84
CA MSE B 120 -15.16 13.06 8.94
C MSE B 120 -14.25 11.98 9.53
O MSE B 120 -14.74 10.86 9.77
CB MSE B 120 -14.80 12.93 7.32
CB MSE B 120 -15.20 12.97 7.41
CG MSE B 120 -15.60 13.87 6.43
CG MSE B 120 -16.25 13.88 6.79
SE MSE B 120 -15.52 13.34 4.52
SE MSE B 120 -18.00 13.86 7.67
CE MSE B 120 -13.68 13.59 4.15
CE MSE B 120 -18.53 12.00 7.30
N ALA B 121 -12.97 12.27 9.75
CA ALA B 121 -11.98 11.38 10.34
C ALA B 121 -10.85 12.19 10.89
N THR B 122 -10.27 11.72 12.01
CA THR B 122 -9.14 12.37 12.64
C THR B 122 -8.18 11.26 13.10
N TYR B 123 -6.87 11.56 13.09
CA TYR B 123 -5.85 10.57 13.47
C TYR B 123 -4.68 11.28 14.10
N LYS B 124 -4.26 10.84 15.30
CA LYS B 124 -3.10 11.39 15.99
C LYS B 124 -2.03 10.32 16.19
N HIS B 125 -0.77 10.66 15.91
CA HIS B 125 0.36 9.74 16.14
C HIS B 125 1.59 10.51 16.58
N ILE B 126 2.42 9.87 17.40
CA ILE B 126 3.67 10.43 17.90
C ILE B 126 4.80 9.93 17.00
N VAL B 127 5.65 10.88 16.57
CA VAL B 127 6.85 10.58 15.81
C VAL B 127 8.03 10.93 16.69
N ARG B 128 8.94 9.99 16.89
CA ARG B 128 10.17 10.20 17.66
C ARG B 128 11.32 10.16 16.67
N PRO B 129 12.04 11.30 16.48
CA PRO B 129 13.06 11.38 15.42
C PRO B 129 14.19 10.36 15.46
N ASP B 130 14.41 9.66 16.57
CA ASP B 130 15.45 8.64 16.68
C ASP B 130 14.90 7.21 16.39
N ASP B 131 13.62 7.12 16.01
CA ASP B 131 12.97 5.85 15.67
C ASP B 131 13.72 5.22 14.47
N ILE B 132 14.35 4.04 14.68
CA ILE B 132 15.15 3.35 13.65
C ILE B 132 14.25 2.89 12.49
N LEU B 133 12.92 2.79 12.68
CA LEU B 133 12.07 2.34 11.55
C LEU B 133 11.58 3.50 10.69
N ILE B 134 12.15 4.72 10.90
CA ILE B 134 11.91 5.82 9.96
C ILE B 134 12.80 5.46 8.75
N HIS B 135 12.17 5.13 7.62
CA HIS B 135 12.85 4.65 6.41
C HIS B 135 13.67 5.75 5.72
N LYS B 136 15.00 5.64 5.74
CA LYS B 136 15.82 6.67 5.08
C LYS B 136 15.77 6.47 3.58
N ARG B 137 15.48 7.59 2.87
CA ARG B 137 15.35 7.60 1.42
C ARG B 137 16.15 8.76 0.82
N GLY B 138 16.29 8.72 -0.50
CA GLY B 138 16.98 9.77 -1.28
C GLY B 138 18.46 9.90 -1.01
N VAL B 139 19.14 8.81 -0.61
CA VAL B 139 20.58 8.85 -0.30
C VAL B 139 21.39 8.07 -1.35
N SER B 140 20.73 7.19 -2.09
CA SER B 140 21.37 6.39 -3.12
C SER B 140 20.41 6.19 -4.28
N HIS B 141 20.95 5.89 -5.48
CA HIS B 141 20.21 5.64 -6.73
C HIS B 141 19.13 6.75 -6.98
N ILE B 142 19.50 8.01 -6.78
CA ILE B 142 18.57 9.13 -7.02
C ILE B 142 18.24 9.14 -8.52
N THR B 143 16.93 9.14 -8.84
CA THR B 143 16.44 9.13 -10.22
C THR B 143 17.14 10.20 -11.05
N PRO B 144 17.69 9.83 -12.24
CA PRO B 144 18.31 10.86 -13.10
C PRO B 144 17.34 12.01 -13.34
N HIS B 145 17.84 13.25 -13.24
CA HIS B 145 16.98 14.41 -13.38
C HIS B 145 17.75 15.59 -14.00
N ARG B 146 17.00 16.61 -14.45
CA ARG B 146 17.58 17.78 -15.09
C ARG B 146 16.80 19.04 -14.70
N TYR B 147 17.53 20.12 -14.33
CA TYR B 147 16.85 21.36 -13.97
C TYR B 147 16.45 22.12 -15.21
N MSE B 148 15.13 22.31 -15.38
CA MSE B 148 14.58 23.08 -16.51
C MSE B 148 14.60 24.56 -16.17
O MSE B 148 14.70 25.40 -17.05
CB MSE B 148 13.15 22.62 -16.84
CG MSE B 148 13.03 21.14 -17.02
SE MSE B 148 13.56 20.71 -18.76
CE MSE B 148 15.09 19.86 -18.30
N LEU B 149 14.49 24.88 -14.87
CA LEU B 149 14.54 26.24 -14.32
C LEU B 149 15.12 26.14 -12.92
N GLN B 150 16.13 26.95 -12.62
CA GLN B 150 16.74 26.96 -11.30
C GLN B 150 17.03 28.38 -10.91
N SER B 151 16.05 29.02 -10.28
CA SER B 151 16.12 30.42 -9.86
C SER B 151 16.94 30.62 -8.59
N GLY B 152 17.05 29.58 -7.77
CA GLY B 152 17.80 29.64 -6.51
C GLY B 152 17.74 28.34 -5.76
N ASN B 153 18.11 28.37 -4.46
CA ASN B 153 18.12 27.18 -3.60
C ASN B 153 16.69 26.75 -3.22
N GLU B 154 16.55 25.57 -2.61
CA GLU B 154 15.26 25.00 -2.23
C GLU B 154 14.59 25.76 -1.09
N LYS B 155 15.37 26.52 -0.29
CA LYS B 155 14.79 27.28 0.80
C LYS B 155 14.04 28.51 0.26
N ASP B 156 14.64 29.21 -0.71
CA ASP B 156 14.14 30.48 -1.25
C ASP B 156 13.13 30.35 -2.38
N CYS B 157 13.05 29.16 -3.04
CA CYS B 157 12.17 29.02 -4.21
C CYS B 157 11.14 27.93 -4.02
N ILE B 158 10.07 27.99 -4.82
CA ILE B 158 9.02 26.97 -4.84
C ILE B 158 9.54 25.86 -5.75
N ASP B 159 9.75 24.66 -5.22
CA ASP B 159 10.31 23.55 -5.99
C ASP B 159 9.20 22.72 -6.61
N VAL B 160 9.17 22.70 -7.96
CA VAL B 160 8.18 21.91 -8.71
C VAL B 160 8.91 20.80 -9.44
N ALA B 161 8.47 19.57 -9.25
CA ALA B 161 9.04 18.41 -9.91
C ALA B 161 8.13 17.91 -11.02
N ILE B 162 8.71 17.66 -12.18
CA ILE B 162 8.01 17.11 -13.37
C ILE B 162 8.49 15.68 -13.48
N LEU B 163 7.56 14.73 -13.42
CA LEU B 163 7.86 13.32 -13.39
C LEU B 163 7.36 12.60 -14.66
N ALA B 164 8.21 11.70 -15.19
CA ALA B 164 7.96 10.90 -16.41
C ALA B 164 7.08 9.68 -16.11
N GLU B 165 5.94 9.59 -16.82
CA GLU B 165 5.03 8.45 -16.69
C GLU B 165 4.75 7.88 -18.08
N GLY B 166 5.04 6.59 -18.24
CA GLY B 166 4.87 5.90 -19.50
C GLY B 166 5.96 6.14 -20.54
N TYR B 167 7.12 6.64 -20.09
CA TYR B 167 8.29 6.84 -20.94
C TYR B 167 9.32 5.78 -20.62
N THR B 168 9.75 4.98 -21.62
CA THR B 168 10.84 4.00 -21.40
C THR B 168 12.16 4.79 -21.41
N GLU B 169 13.29 4.16 -21.02
CA GLU B 169 14.60 4.81 -21.04
C GLU B 169 14.94 5.37 -22.44
N LYS B 170 14.47 4.69 -23.50
CA LYS B 170 14.67 5.10 -24.89
C LYS B 170 13.89 6.38 -25.24
N GLU B 171 12.90 6.79 -24.43
CA GLU B 171 12.06 7.95 -24.72
C GLU B 171 12.29 9.15 -23.82
N MSE B 172 13.40 9.18 -23.05
CA MSE B 172 13.66 10.27 -22.11
C MSE B 172 13.99 11.61 -22.80
O MSE B 172 13.72 12.65 -22.21
CB MSE B 172 14.73 9.89 -21.09
CG MSE B 172 14.19 8.90 -20.08
SE MSE B 172 12.51 9.49 -19.26
CE MSE B 172 12.13 7.89 -18.34
N ASP B 173 14.46 11.60 -24.07
CA ASP B 173 14.69 12.86 -24.80
C ASP B 173 13.34 13.52 -25.13
N VAL B 174 12.31 12.69 -25.42
CA VAL B 174 10.95 13.19 -25.66
C VAL B 174 10.43 13.80 -24.34
N PHE B 175 10.60 13.08 -23.21
CA PHE B 175 10.17 13.52 -21.88
C PHE B 175 10.79 14.88 -21.52
N TYR B 176 12.12 15.02 -21.69
CA TYR B 176 12.80 16.27 -21.38
C TYR B 176 12.31 17.40 -22.28
N GLN B 177 11.92 17.09 -23.54
CA GLN B 177 11.34 18.08 -24.44
C GLN B 177 9.95 18.47 -23.88
N ASP B 178 9.20 17.48 -23.31
CA ASP B 178 7.87 17.73 -22.74
C ASP B 178 7.93 18.54 -21.44
N ALA B 179 8.94 18.29 -20.59
CA ALA B 179 9.13 19.02 -19.34
C ALA B 179 9.44 20.49 -19.63
N GLN B 180 10.23 20.72 -20.69
CA GLN B 180 10.59 22.05 -21.18
C GLN B 180 9.33 22.77 -21.68
N ARG B 181 8.42 22.05 -22.37
CA ARG B 181 7.14 22.61 -22.85
C ARG B 181 6.26 22.99 -21.65
N THR B 182 6.27 22.15 -20.58
CA THR B 182 5.53 22.43 -19.35
C THR B 182 5.98 23.76 -18.73
N CYS B 183 7.30 23.95 -18.54
CA CYS B 183 7.92 25.14 -17.95
C CYS B 183 7.57 26.39 -18.81
N GLU B 184 7.71 26.27 -20.14
CA GLU B 184 7.40 27.32 -21.12
C GLU B 184 5.93 27.72 -21.02
N SER B 185 5.01 26.71 -20.90
CA SER B 185 3.57 26.99 -20.77
C SER B 185 3.27 27.69 -19.47
N LEU B 186 3.72 27.13 -18.34
CA LEU B 186 3.45 27.71 -17.03
C LEU B 186 3.87 29.18 -16.93
N PHE B 187 5.09 29.50 -17.34
CA PHE B 187 5.62 30.86 -17.21
C PHE B 187 5.16 31.79 -18.33
N SER B 188 4.19 31.35 -19.15
CA SER B 188 3.60 32.24 -20.15
C SER B 188 2.36 32.90 -19.54
N TYR B 189 1.93 32.45 -18.33
CA TYR B 189 0.74 32.96 -17.63
C TYR B 189 1.08 33.79 -16.42
N GLU B 190 0.38 34.91 -16.26
CA GLU B 190 0.48 35.76 -15.08
C GLU B 190 -0.32 35.10 -13.96
N PRO B 191 0.12 35.16 -12.68
CA PRO B 191 1.30 35.87 -12.17
C PRO B 191 2.61 35.04 -12.20
N PHE B 192 2.56 33.77 -12.70
CA PHE B 192 3.75 32.92 -12.79
C PHE B 192 4.86 33.61 -13.61
N ARG B 193 4.46 34.23 -14.74
CA ARG B 193 5.36 34.97 -15.63
CA ARG B 193 5.36 34.97 -15.64
C ARG B 193 6.17 36.03 -14.87
N SER B 194 5.49 36.94 -14.13
CA SER B 194 6.21 38.00 -13.42
C SER B 194 6.86 37.50 -12.12
N MSE B 195 6.49 36.30 -11.63
CA MSE B 195 7.11 35.78 -10.41
C MSE B 195 7.97 34.55 -10.69
O MSE B 195 8.22 33.76 -9.79
CB MSE B 195 6.02 35.46 -9.36
CG MSE B 195 5.25 36.71 -8.93
SE MSE B 195 3.89 36.36 -7.58
CE MSE B 195 4.94 36.89 -5.96
N LYS B 196 8.49 34.42 -11.94
CA LYS B 196 9.32 33.31 -12.42
C LYS B 196 10.52 33.00 -11.50
N SER B 197 11.19 34.06 -10.98
CA SER B 197 12.37 33.95 -10.11
C SER B 197 12.07 33.30 -8.75
N LYS B 198 10.78 33.05 -8.44
CA LYS B 198 10.38 32.40 -7.18
C LYS B 198 10.30 30.88 -7.34
N PHE B 199 10.62 30.34 -8.55
CA PHE B 199 10.47 28.91 -8.83
C PHE B 199 11.71 28.19 -9.31
N ASN B 200 11.76 26.90 -8.97
CA ASN B 200 12.70 25.88 -9.44
C ASN B 200 11.85 24.84 -10.13
N ILE B 201 12.27 24.39 -11.30
CA ILE B 201 11.56 23.36 -12.08
C ILE B 201 12.54 22.25 -12.40
N VAL B 202 12.29 21.06 -11.87
CA VAL B 202 13.18 19.93 -12.10
C VAL B 202 12.42 18.82 -12.85
N ALA B 203 13.01 18.30 -13.94
CA ALA B 203 12.43 17.21 -14.73
C ALA B 203 13.08 15.89 -14.27
N VAL B 204 12.26 14.94 -13.83
CA VAL B 204 12.71 13.69 -13.23
C VAL B 204 12.36 12.52 -14.16
N ALA B 205 13.41 11.96 -14.78
CA ALA B 205 13.32 10.88 -15.77
C ALA B 205 13.12 9.51 -15.12
N SER B 206 11.97 9.30 -14.45
CA SER B 206 11.58 8.03 -13.82
C SER B 206 11.22 7.03 -14.93
N PRO B 207 12.03 5.96 -15.14
CA PRO B 207 11.77 5.04 -16.27
C PRO B 207 10.55 4.16 -16.08
N SER B 208 9.88 3.87 -17.19
CA SER B 208 8.74 2.96 -17.27
C SER B 208 9.15 1.73 -18.06
N THR B 209 8.67 0.54 -17.65
CA THR B 209 8.95 -0.71 -18.38
C THR B 209 8.26 -0.64 -19.75
N ASP B 210 6.99 -0.19 -19.77
CA ASP B 210 6.19 -0.05 -20.98
C ASP B 210 6.00 1.42 -21.37
N SER B 211 5.87 1.62 -22.68
CA SER B 211 5.58 2.93 -23.29
C SER B 211 4.06 3.14 -23.25
N GLY B 212 3.63 4.31 -22.79
CA GLY B 212 2.22 4.65 -22.68
C GLY B 212 1.67 4.39 -21.28
N VAL B 213 0.34 4.44 -21.13
CA VAL B 213 -0.31 4.24 -19.82
C VAL B 213 -1.44 3.23 -19.92
N SER B 214 -1.86 2.69 -18.78
CA SER B 214 -2.90 1.68 -18.70
C SER B 214 -4.28 2.24 -19.07
N VAL B 215 -5.02 1.45 -19.86
CA VAL B 215 -6.39 1.76 -20.30
C VAL B 215 -7.23 0.52 -19.93
N PRO B 216 -7.73 0.44 -18.68
CA PRO B 216 -8.49 -0.75 -18.26
C PRO B 216 -9.64 -1.18 -19.18
N ARG B 217 -10.44 -0.22 -19.72
CA ARG B 217 -11.58 -0.60 -20.58
C ARG B 217 -11.14 -1.30 -21.89
N GLU B 218 -9.90 -1.05 -22.35
CA GLU B 218 -9.34 -1.65 -23.56
C GLU B 218 -8.55 -2.88 -23.21
N ASN B 219 -8.54 -3.24 -21.91
CA ASN B 219 -7.78 -4.35 -21.34
C ASN B 219 -6.29 -4.16 -21.64
N GLN B 220 -5.84 -2.90 -21.53
CA GLN B 220 -4.44 -2.52 -21.78
C GLN B 220 -3.79 -2.17 -20.46
N TRP B 221 -3.20 -3.16 -19.79
CA TRP B 221 -2.55 -2.95 -18.50
C TRP B 221 -1.04 -2.91 -18.70
N LYS B 222 -0.46 -1.74 -18.44
CA LYS B 222 0.95 -1.49 -18.67
C LYS B 222 1.71 -1.37 -17.36
N GLN B 223 3.00 -1.71 -17.39
CA GLN B 223 3.88 -1.56 -16.25
C GLN B 223 4.64 -0.23 -16.41
N THR B 224 4.27 0.74 -15.59
CA THR B 224 4.81 2.10 -15.71
C THR B 224 5.32 2.61 -14.36
N ALA B 225 6.13 3.67 -14.41
CA ALA B 225 6.79 4.28 -13.26
C ALA B 225 5.82 4.61 -12.11
N VAL B 226 4.62 5.17 -12.41
CA VAL B 226 3.72 5.53 -11.30
C VAL B 226 2.36 4.86 -11.42
N HIS B 227 2.24 3.86 -12.29
CA HIS B 227 1.08 2.97 -12.42
C HIS B 227 -0.24 3.72 -12.63
N SER B 228 -0.21 4.78 -13.45
CA SER B 228 -1.42 5.54 -13.75
C SER B 228 -2.35 4.73 -14.66
N HIS B 229 -3.63 5.10 -14.70
CA HIS B 229 -4.61 4.42 -15.55
C HIS B 229 -5.78 5.31 -15.86
N PHE B 230 -6.40 5.06 -17.00
CA PHE B 230 -7.64 5.72 -17.36
C PHE B 230 -8.78 4.98 -16.62
N ASP B 231 -10.06 5.31 -16.90
CA ASP B 231 -11.23 4.65 -16.30
C ASP B 231 -11.29 4.78 -14.77
N THR B 232 -10.68 5.84 -14.20
CA THR B 232 -10.75 6.09 -12.75
C THR B 232 -12.22 6.33 -12.41
N PHE B 233 -12.79 5.58 -11.42
CA PHE B 233 -14.20 5.65 -10.99
C PHE B 233 -15.16 5.35 -12.15
N TYR B 234 -14.67 4.54 -13.14
CA TYR B 234 -15.36 4.13 -14.36
C TYR B 234 -15.70 5.36 -15.23
N SER B 235 -14.87 6.40 -15.15
CA SER B 235 -14.96 7.61 -16.01
C SER B 235 -13.84 7.46 -17.04
N ASP B 236 -14.19 7.12 -18.28
CA ASP B 236 -13.25 6.81 -19.38
C ASP B 236 -11.99 7.68 -19.45
N ARG B 237 -12.13 8.99 -19.54
CA ARG B 237 -10.99 9.91 -19.72
C ARG B 237 -10.34 10.35 -18.42
N TYR B 238 -10.77 9.82 -17.26
CA TYR B 238 -10.18 10.23 -16.00
C TYR B 238 -8.89 9.42 -15.71
N LEU B 239 -7.75 10.06 -16.01
CA LEU B 239 -6.41 9.51 -15.82
C LEU B 239 -5.86 9.94 -14.45
N THR B 240 -5.61 8.95 -13.58
CA THR B 240 -5.06 9.18 -12.24
C THR B 240 -4.11 8.09 -11.84
N THR B 241 -3.44 8.30 -10.72
CA THR B 241 -2.67 7.25 -10.06
C THR B 241 -3.08 7.22 -8.57
N SER B 242 -3.30 6.02 -8.05
CA SER B 242 -3.61 5.85 -6.63
C SER B 242 -2.34 5.31 -5.92
N ARG B 243 -1.26 5.12 -6.70
CA ARG B 243 0.05 4.64 -6.25
C ARG B 243 0.95 5.83 -5.91
N VAL B 244 0.47 6.63 -4.96
CA VAL B 244 1.10 7.86 -4.48
C VAL B 244 2.53 7.57 -3.92
N LYS B 245 2.72 6.45 -3.21
CA LYS B 245 4.05 6.13 -2.69
C LYS B 245 5.07 6.00 -3.83
N SER B 246 4.70 5.38 -4.96
CA SER B 246 5.60 5.22 -6.11
C SER B 246 6.01 6.59 -6.68
N VAL B 247 5.08 7.58 -6.69
CA VAL B 247 5.35 8.96 -7.11
C VAL B 247 6.46 9.56 -6.22
N HIS B 248 6.25 9.52 -4.89
CA HIS B 248 7.18 10.11 -3.94
C HIS B 248 8.50 9.33 -3.86
N ASN B 249 8.49 8.02 -4.05
CA ASN B 249 9.73 7.22 -4.02
C ASN B 249 10.64 7.61 -5.20
N ALA B 250 10.07 7.86 -6.38
CA ALA B 250 10.82 8.28 -7.58
C ALA B 250 11.48 9.64 -7.36
N LEU B 251 10.87 10.49 -6.52
CA LEU B 251 11.31 11.87 -6.25
C LEU B 251 12.22 12.02 -5.04
N ALA B 252 12.34 10.94 -4.20
CA ALA B 252 13.18 10.98 -3.00
C ALA B 252 14.62 11.40 -3.35
N GLY B 253 15.14 12.37 -2.63
CA GLY B 253 16.50 12.85 -2.86
C GLY B 253 16.58 14.05 -3.78
N ILE B 254 15.48 14.39 -4.48
CA ILE B 254 15.43 15.60 -5.32
C ILE B 254 14.53 16.58 -4.58
N PRO B 255 14.94 17.85 -4.33
CA PRO B 255 14.03 18.78 -3.62
C PRO B 255 12.72 18.98 -4.38
N TYR B 256 11.56 18.80 -3.70
CA TYR B 256 10.26 19.01 -4.37
C TYR B 256 9.21 19.37 -3.36
N GLU B 257 8.26 20.21 -3.80
CA GLU B 257 7.10 20.64 -3.01
C GLU B 257 5.82 20.32 -3.74
N HIS B 258 5.83 20.45 -5.07
CA HIS B 258 4.68 20.24 -5.94
C HIS B 258 5.06 19.33 -7.07
N ILE B 259 4.10 18.50 -7.51
CA ILE B 259 4.34 17.48 -8.52
C ILE B 259 3.45 17.64 -9.74
N ILE B 260 4.09 17.55 -10.93
CA ILE B 260 3.47 17.52 -12.25
C ILE B 260 3.90 16.21 -12.89
N ILE B 261 2.95 15.32 -13.18
CA ILE B 261 3.24 14.04 -13.82
C ILE B 261 2.82 14.13 -15.27
N LEU B 262 3.75 13.84 -16.19
CA LEU B 262 3.47 13.85 -17.63
C LEU B 262 3.33 12.42 -18.11
N ALA B 263 2.16 12.12 -18.72
CA ALA B 263 1.89 10.81 -19.30
C ALA B 263 2.22 10.81 -20.80
N ASN B 264 3.02 9.84 -21.23
CA ASN B 264 3.48 9.68 -22.61
C ASN B 264 2.36 9.13 -23.51
N THR B 265 1.40 10.00 -23.85
CA THR B 265 0.28 9.66 -24.74
C THR B 265 -0.31 10.97 -25.30
N ASP B 266 -1.05 10.86 -26.42
CA ASP B 266 -1.68 12.00 -27.08
C ASP B 266 -3.21 12.03 -26.87
N VAL B 267 -3.77 11.06 -26.12
CA VAL B 267 -5.23 11.05 -25.87
C VAL B 267 -5.56 12.07 -24.76
N TYR B 268 -6.83 12.50 -24.68
CA TYR B 268 -7.26 13.47 -23.68
C TYR B 268 -7.45 12.83 -22.29
N GLY B 269 -7.03 13.55 -21.26
CA GLY B 269 -7.25 13.09 -19.91
C GLY B 269 -6.27 13.56 -18.86
N GLY B 270 -6.71 13.45 -17.61
CA GLY B 270 -5.93 13.82 -16.45
C GLY B 270 -6.72 14.61 -15.42
N GLY B 271 -5.98 15.26 -14.52
CA GLY B 271 -6.57 16.05 -13.46
C GLY B 271 -5.53 16.47 -12.44
N GLY B 272 -5.92 17.43 -11.60
CA GLY B 272 -5.07 17.96 -10.55
C GLY B 272 -5.90 18.14 -9.29
N ILE B 273 -5.30 17.82 -8.14
CA ILE B 273 -5.94 17.94 -6.83
C ILE B 273 -4.99 18.68 -5.90
N TYR B 274 -5.53 19.66 -5.16
CA TYR B 274 -4.82 20.53 -4.21
C TYR B 274 -3.89 19.73 -3.28
N ASN B 275 -2.58 20.03 -3.42
CA ASN B 275 -1.46 19.45 -2.66
C ASN B 275 -1.45 17.88 -2.73
N SER B 276 -1.78 17.36 -3.91
CA SER B 276 -1.74 15.93 -4.24
C SER B 276 -0.75 15.81 -5.41
N TYR B 277 -1.20 16.17 -6.62
CA TYR B 277 -0.39 16.23 -7.84
C TYR B 277 -1.23 16.67 -9.00
N THR B 278 -0.58 17.05 -10.09
CA THR B 278 -1.17 17.24 -11.40
C THR B 278 -0.71 16.05 -12.23
N LEU B 279 -1.60 15.45 -13.00
CA LEU B 279 -1.25 14.40 -13.95
C LEU B 279 -2.02 14.70 -15.26
N THR B 280 -1.31 14.84 -16.39
CA THR B 280 -1.96 15.11 -17.68
C THR B 280 -1.18 14.44 -18.82
N THR B 281 -1.83 14.32 -19.98
CA THR B 281 -1.24 13.70 -21.18
C THR B 281 -0.40 14.75 -21.91
N ALA B 282 0.90 14.45 -22.07
CA ALA B 282 1.89 15.36 -22.63
C ALA B 282 1.71 15.72 -24.10
N HIS B 283 1.18 14.81 -24.91
CA HIS B 283 1.13 15.04 -26.35
C HIS B 283 -0.28 15.32 -26.89
N HIS B 284 -1.27 15.55 -26.02
CA HIS B 284 -2.59 15.95 -26.49
C HIS B 284 -2.47 17.41 -27.05
N PRO B 285 -3.18 17.79 -28.13
CA PRO B 285 -3.00 19.14 -28.70
C PRO B 285 -3.23 20.31 -27.74
N MSE B 286 -4.08 20.14 -26.71
CA MSE B 286 -4.40 21.19 -25.73
C MSE B 286 -3.51 21.09 -24.46
O MSE B 286 -3.84 21.71 -23.45
CB MSE B 286 -5.89 21.13 -25.36
CG MSE B 286 -6.83 21.50 -26.50
SE MSE B 286 -6.48 23.25 -27.22
CE MSE B 286 -8.28 23.64 -27.82
N PHE B 287 -2.37 20.38 -24.53
CA PHE B 287 -1.47 20.20 -23.38
C PHE B 287 -1.14 21.53 -22.66
N LYS B 288 -0.61 22.52 -23.39
CA LYS B 288 -0.15 23.80 -22.84
C LYS B 288 -1.21 24.44 -21.93
N PRO B 289 -2.46 24.75 -22.37
CA PRO B 289 -3.43 25.33 -21.42
C PRO B 289 -3.95 24.34 -20.36
N VAL B 290 -4.08 23.03 -20.69
CA VAL B 290 -4.61 22.00 -19.80
C VAL B 290 -3.70 21.77 -18.57
N VAL B 291 -2.38 21.62 -18.77
CA VAL B 291 -1.45 21.41 -17.66
C VAL B 291 -1.53 22.59 -16.65
N VAL B 292 -1.73 23.81 -17.16
CA VAL B 292 -1.79 25.02 -16.33
C VAL B 292 -3.13 25.05 -15.57
N HIS B 293 -4.24 24.66 -16.23
CA HIS B 293 -5.55 24.53 -15.57
C HIS B 293 -5.43 23.57 -14.37
N GLU B 294 -4.78 22.39 -14.57
CA GLU B 294 -4.61 21.38 -13.53
C GLU B 294 -3.71 21.88 -12.41
N PHE B 295 -2.62 22.58 -12.78
CA PHE B 295 -1.71 23.18 -11.80
C PHE B 295 -2.48 24.24 -10.96
N GLY B 296 -3.51 24.88 -11.55
CA GLY B 296 -4.41 25.80 -10.86
C GLY B 296 -5.05 25.10 -9.66
N HIS B 297 -5.44 23.83 -9.83
CA HIS B 297 -5.97 23.00 -8.74
C HIS B 297 -4.87 22.56 -7.79
N SER B 298 -3.87 21.79 -8.31
CA SER B 298 -2.84 21.14 -7.47
C SER B 298 -1.96 22.13 -6.72
N PHE B 299 -1.55 23.25 -7.34
CA PHE B 299 -0.75 24.27 -6.64
C PHE B 299 -1.63 25.39 -6.08
N GLY B 300 -2.50 25.97 -6.91
CA GLY B 300 -3.32 27.11 -6.54
C GLY B 300 -4.48 26.82 -5.61
N GLY B 301 -4.93 25.57 -5.59
CA GLY B 301 -6.10 25.15 -4.81
C GLY B 301 -7.37 25.79 -5.33
N LEU B 302 -7.35 26.15 -6.62
CA LEU B 302 -8.49 26.80 -7.30
C LEU B 302 -9.57 25.78 -7.67
N ALA B 303 -10.83 26.25 -7.77
CA ALA B 303 -11.94 25.37 -8.16
C ALA B 303 -12.20 25.48 -9.65
N ASP B 304 -12.97 24.51 -10.20
CA ASP B 304 -13.41 24.63 -11.58
C ASP B 304 -14.48 25.69 -11.64
N GLU B 305 -14.40 26.56 -12.65
CA GLU B 305 -15.35 27.65 -12.82
C GLU B 305 -16.42 27.32 -13.86
N TYR B 306 -16.32 26.14 -14.49
CA TYR B 306 -17.35 25.74 -15.46
C TYR B 306 -18.56 25.23 -14.67
N PHE B 307 -19.76 25.53 -15.22
CA PHE B 307 -21.07 25.24 -14.63
C PHE B 307 -21.63 23.85 -15.03
N TYR B 308 -20.94 23.11 -15.93
CA TYR B 308 -21.40 21.80 -16.38
C TYR B 308 -20.85 20.70 -15.45
N ASP B 309 -21.62 19.64 -15.20
CA ASP B 309 -21.14 18.61 -14.29
C ASP B 309 -20.29 17.55 -15.00
N ASN B 310 -19.26 17.06 -14.31
CA ASN B 310 -18.36 16.00 -14.81
C ASN B 310 -19.07 14.65 -14.80
N ASP B 311 -18.48 13.63 -15.47
CA ASP B 311 -18.99 12.26 -15.43
C ASP B 311 -18.90 11.74 -13.97
N VAL B 312 -18.17 12.54 -13.12
CA VAL B 312 -17.83 12.51 -11.70
C VAL B 312 -16.29 12.41 -11.57
N THR B 316 -20.48 18.33 -4.76
CA THR B 316 -19.23 18.84 -4.19
C THR B 316 -19.43 20.15 -3.41
N TYR B 317 -20.39 21.03 -3.81
CA TYR B 317 -20.55 22.30 -3.10
C TYR B 317 -21.96 22.56 -2.58
N PRO B 318 -22.26 22.27 -1.28
CA PRO B 318 -23.58 22.62 -0.72
C PRO B 318 -23.82 24.12 -0.85
N LEU B 319 -25.02 24.52 -1.27
CA LEU B 319 -25.32 25.93 -1.55
C LEU B 319 -25.41 26.79 -0.29
N ASP B 320 -25.59 26.16 0.89
CA ASP B 320 -25.68 26.88 2.17
C ASP B 320 -24.30 26.94 2.88
N VAL B 321 -23.21 26.52 2.20
CA VAL B 321 -21.86 26.54 2.76
C VAL B 321 -20.93 27.37 1.85
N GLU B 322 -20.08 28.24 2.45
CA GLU B 322 -19.10 28.98 1.65
C GLU B 322 -17.96 28.06 1.26
N PRO B 323 -17.65 27.86 -0.04
CA PRO B 323 -16.51 26.98 -0.39
C PRO B 323 -15.20 27.56 0.13
N TRP B 324 -14.20 26.71 0.44
CA TRP B 324 -12.90 27.20 0.90
C TRP B 324 -12.07 27.73 -0.28
N GLU B 325 -12.42 27.31 -1.53
CA GLU B 325 -11.77 27.76 -2.76
C GLU B 325 -12.08 29.22 -2.96
N GLN B 326 -11.06 29.98 -3.38
CA GLN B 326 -11.07 31.43 -3.49
C GLN B 326 -11.72 32.01 -4.74
N ASN B 327 -11.86 31.23 -5.82
CA ASN B 327 -12.39 31.69 -7.09
C ASN B 327 -13.86 31.30 -7.37
N ILE B 328 -14.57 30.75 -6.38
CA ILE B 328 -16.01 30.45 -6.50
C ILE B 328 -16.66 30.86 -5.18
N SER B 329 -17.96 31.18 -5.22
CA SER B 329 -18.70 31.57 -4.02
C SER B 329 -20.18 31.15 -4.10
N THR B 330 -20.74 30.77 -2.93
CA THR B 330 -22.16 30.45 -2.78
C THR B 330 -22.87 31.68 -2.18
N ARG B 331 -22.07 32.74 -1.91
CA ARG B 331 -22.45 34.06 -1.36
C ARG B 331 -22.94 33.95 0.10
N VAL B 332 -22.45 32.93 0.82
CA VAL B 332 -22.72 32.63 2.23
C VAL B 332 -21.82 33.55 3.06
N ASN B 333 -20.55 33.68 2.64
CA ASN B 333 -19.55 34.55 3.25
C ASN B 333 -18.73 35.17 2.11
N PHE B 334 -19.42 35.96 1.27
CA PHE B 334 -18.84 36.58 0.09
C PHE B 334 -17.78 37.65 0.43
N ALA B 335 -17.83 38.27 1.64
CA ALA B 335 -16.81 39.24 2.07
C ALA B 335 -15.42 38.58 2.24
N SER B 336 -15.37 37.25 2.44
CA SER B 336 -14.11 36.50 2.54
C SER B 336 -13.55 36.18 1.13
N LYS B 337 -14.32 36.54 0.08
CA LYS B 337 -13.91 36.23 -1.29
C LYS B 337 -13.47 37.49 -2.05
N TRP B 338 -14.11 37.82 -3.19
CA TRP B 338 -13.67 38.95 -4.02
C TRP B 338 -14.62 40.16 -3.95
N LYS B 339 -15.38 40.28 -2.84
CA LYS B 339 -16.26 41.43 -2.58
C LYS B 339 -15.43 42.73 -2.62
N ASP B 340 -14.17 42.70 -2.09
CA ASP B 340 -13.25 43.84 -2.06
C ASP B 340 -12.73 44.24 -3.47
N MSE B 341 -12.96 43.41 -4.48
CA MSE B 341 -12.54 43.69 -5.87
C MSE B 341 -13.74 44.01 -6.77
O MSE B 341 -13.56 44.33 -7.94
CB MSE B 341 -11.79 42.46 -6.43
CG MSE B 341 -10.37 42.34 -5.92
SE MSE B 341 -9.54 40.79 -6.67
CE MSE B 341 -9.19 41.35 -8.42
N LEU B 342 -14.96 43.91 -6.22
CA LEU B 342 -16.19 44.15 -6.97
C LEU B 342 -16.50 45.66 -6.98
N PRO B 343 -16.65 46.31 -8.17
CA PRO B 343 -16.94 47.75 -8.19
C PRO B 343 -18.25 48.10 -7.50
N SER B 344 -18.32 49.31 -6.92
CA SER B 344 -19.51 49.78 -6.21
C SER B 344 -20.71 49.77 -7.17
N GLY B 345 -21.81 49.18 -6.71
CA GLY B 345 -23.05 49.12 -7.46
C GLY B 345 -23.10 48.13 -8.61
N ALA B 346 -22.15 47.17 -8.63
CA ALA B 346 -22.14 46.11 -9.65
C ALA B 346 -23.38 45.23 -9.45
N PRO B 347 -24.13 44.90 -10.51
CA PRO B 347 -25.32 44.05 -10.33
C PRO B 347 -24.91 42.63 -9.94
N ILE B 348 -25.68 42.03 -9.04
CA ILE B 348 -25.50 40.66 -8.57
C ILE B 348 -26.82 39.89 -8.81
N PRO B 349 -26.83 38.86 -9.68
CA PRO B 349 -25.71 38.37 -10.50
C PRO B 349 -25.37 39.34 -11.64
N THR B 350 -24.14 39.26 -12.17
CA THR B 350 -23.75 40.15 -13.27
C THR B 350 -24.32 39.57 -14.58
N PRO B 351 -25.17 40.32 -15.33
CA PRO B 351 -25.69 39.79 -16.61
C PRO B 351 -24.55 39.58 -17.63
N ILE B 352 -24.60 38.45 -18.38
CA ILE B 352 -23.65 38.03 -19.43
C ILE B 352 -23.50 39.12 -20.52
N ALA B 353 -24.57 39.89 -20.81
CA ALA B 353 -24.53 40.97 -21.81
C ALA B 353 -23.67 42.16 -21.33
N GLU B 354 -23.39 42.23 -20.01
CA GLU B 354 -22.60 43.33 -19.43
C GLU B 354 -21.18 42.90 -19.05
N LYS B 355 -20.68 41.76 -19.63
CA LYS B 355 -19.35 41.19 -19.31
C LYS B 355 -18.19 42.16 -19.62
N LYS B 356 -18.31 43.01 -20.68
CA LYS B 356 -17.25 43.96 -21.04
CA LYS B 356 -17.28 43.99 -21.06
C LYS B 356 -17.13 45.06 -19.96
N LYS B 357 -18.26 45.45 -19.34
CA LYS B 357 -18.28 46.44 -18.27
C LYS B 357 -17.74 45.88 -16.96
N TYR B 358 -17.82 44.54 -16.77
CA TYR B 358 -17.41 43.96 -15.50
C TYR B 358 -16.36 42.83 -15.64
N PRO B 359 -15.05 43.17 -15.82
CA PRO B 359 -14.00 42.12 -15.84
C PRO B 359 -13.99 41.30 -14.55
N VAL B 360 -14.48 41.92 -13.46
CA VAL B 360 -14.71 41.33 -12.13
C VAL B 360 -16.20 41.55 -11.80
N GLY B 361 -16.96 40.46 -11.79
CA GLY B 361 -18.38 40.48 -11.47
C GLY B 361 -18.77 39.34 -10.57
N VAL B 362 -20.08 39.06 -10.50
CA VAL B 362 -20.60 37.93 -9.74
C VAL B 362 -21.43 37.14 -10.74
N TYR B 363 -20.75 36.32 -11.54
CA TYR B 363 -21.34 35.57 -12.62
C TYR B 363 -21.90 34.26 -12.13
N GLU B 364 -23.21 34.05 -12.32
CA GLU B 364 -23.88 32.81 -11.89
C GLU B 364 -23.42 31.66 -12.75
N GLY B 365 -23.01 30.59 -12.08
CA GLY B 365 -22.48 29.40 -12.72
C GLY B 365 -21.02 29.19 -12.35
N GLY B 366 -20.72 28.02 -11.85
CA GLY B 366 -19.37 27.65 -11.44
C GLY B 366 -19.44 26.48 -10.50
N GLY B 367 -18.30 25.85 -10.25
CA GLY B 367 -18.21 24.71 -9.36
C GLY B 367 -19.19 23.61 -9.69
N TYR B 368 -19.38 23.35 -11.01
CA TYR B 368 -20.25 22.31 -11.60
C TYR B 368 -21.77 22.58 -11.45
N SER B 369 -22.18 23.82 -11.05
CA SER B 369 -23.61 24.17 -10.93
C SER B 369 -23.92 25.45 -11.66
N ALA B 370 -25.00 25.45 -12.47
CA ALA B 370 -25.44 26.63 -13.21
C ALA B 370 -26.11 27.67 -12.29
N LYS B 371 -26.65 27.23 -11.12
CA LYS B 371 -27.32 28.13 -10.18
C LYS B 371 -26.80 27.97 -8.74
N GLY B 372 -26.82 29.07 -7.98
CA GLY B 372 -26.42 29.06 -6.59
C GLY B 372 -24.93 29.18 -6.32
N ILE B 373 -24.11 28.93 -7.35
CA ILE B 373 -22.65 29.06 -7.29
C ILE B 373 -22.26 30.15 -8.30
N TYR B 374 -21.29 30.99 -7.93
CA TYR B 374 -20.85 32.16 -8.70
C TYR B 374 -19.34 32.16 -8.91
N ARG B 375 -18.91 32.73 -10.03
CA ARG B 375 -17.51 32.84 -10.45
C ARG B 375 -17.16 34.34 -10.68
N PRO B 376 -15.86 34.71 -10.65
CA PRO B 376 -15.52 36.14 -10.66
C PRO B 376 -15.48 36.83 -12.01
N ALA B 377 -15.46 36.07 -13.10
CA ALA B 377 -15.40 36.63 -14.45
C ALA B 377 -16.23 35.79 -15.40
N TYR B 378 -16.61 36.34 -16.56
CA TYR B 378 -17.40 35.57 -17.51
C TYR B 378 -16.65 34.30 -17.92
N ASP B 379 -15.33 34.40 -18.11
CA ASP B 379 -14.48 33.28 -18.53
C ASP B 379 -13.11 33.39 -17.82
N CYS B 380 -12.42 32.24 -17.72
CA CYS B 380 -11.11 32.08 -17.07
C CYS B 380 -10.48 30.77 -17.48
N ARG B 381 -9.16 30.63 -17.27
CA ARG B 381 -8.42 29.38 -17.45
C ARG B 381 -9.10 28.26 -16.61
N MSE B 382 -9.68 28.62 -15.44
CA MSE B 382 -10.34 27.65 -14.56
C MSE B 382 -11.76 27.29 -15.07
O MSE B 382 -12.37 26.36 -14.54
CB MSE B 382 -10.39 28.16 -13.10
CG MSE B 382 -9.00 28.24 -12.45
SE MSE B 382 -7.84 26.71 -12.84
CE MSE B 382 -8.88 25.29 -11.94
N LYS B 383 -12.25 27.99 -16.14
CA LYS B 383 -13.54 27.68 -16.75
C LYS B 383 -13.35 26.91 -18.06
N THR B 384 -12.49 27.42 -18.97
CA THR B 384 -12.29 26.85 -20.31
C THR B 384 -10.82 26.77 -20.68
N ASN B 385 -10.50 25.85 -21.59
CA ASN B 385 -9.14 25.65 -22.05
C ASN B 385 -8.79 26.66 -23.13
N GLU B 386 -9.81 27.24 -23.79
CA GLU B 386 -9.62 28.14 -24.93
C GLU B 386 -9.45 29.59 -24.53
N TYR B 387 -9.90 29.99 -23.32
CA TYR B 387 -9.73 31.37 -22.85
C TYR B 387 -8.22 31.63 -22.58
N PRO B 388 -7.66 32.84 -22.89
CA PRO B 388 -6.19 33.03 -22.80
C PRO B 388 -5.52 33.15 -21.41
N GLU B 389 -6.26 33.47 -20.34
CA GLU B 389 -5.58 33.70 -19.06
C GLU B 389 -6.44 33.38 -17.84
N PHE B 390 -5.83 33.41 -16.66
CA PHE B 390 -6.54 33.31 -15.39
C PHE B 390 -7.29 34.62 -15.19
N CYS B 391 -8.50 34.56 -14.60
CA CYS B 391 -9.29 35.75 -14.30
C CYS B 391 -8.55 36.58 -13.20
N PRO B 392 -8.89 37.87 -12.99
CA PRO B 392 -8.17 38.67 -11.98
C PRO B 392 -8.18 38.09 -10.55
N VAL B 393 -9.26 37.39 -10.16
CA VAL B 393 -9.42 36.84 -8.82
C VAL B 393 -8.54 35.57 -8.66
N CYS B 394 -8.43 34.75 -9.73
CA CYS B 394 -7.54 33.58 -9.76
C CYS B 394 -6.10 34.07 -9.69
N GLN B 395 -5.78 35.16 -10.43
CA GLN B 395 -4.43 35.72 -10.42
C GLN B 395 -4.04 36.21 -9.02
N ARG B 396 -4.96 36.92 -8.32
CA ARG B 396 -4.70 37.40 -6.95
C ARG B 396 -4.47 36.20 -6.03
N ALA B 397 -5.34 35.17 -6.12
CA ALA B 397 -5.26 33.96 -5.31
C ALA B 397 -3.92 33.23 -5.50
N ILE B 398 -3.41 33.16 -6.76
CA ILE B 398 -2.12 32.52 -7.09
C ILE B 398 -0.98 33.37 -6.51
N ARG B 399 -1.07 34.73 -6.63
CA ARG B 399 -0.06 35.61 -6.03
C ARG B 399 0.02 35.38 -4.53
N ARG B 400 -1.16 35.23 -3.87
CA ARG B 400 -1.23 34.99 -2.42
C ARG B 400 -0.59 33.63 -2.06
N MSE B 401 -0.81 32.60 -2.90
CA MSE B 401 -0.22 31.26 -2.67
CA MSE B 401 -0.23 31.27 -2.69
C MSE B 401 1.33 31.36 -2.70
O MSE B 401 1.98 30.91 -1.76
CB MSE B 401 -0.73 30.23 -3.70
CB MSE B 401 -0.76 30.30 -3.79
CG MSE B 401 -2.23 29.93 -3.62
CG MSE B 401 -0.47 28.84 -3.53
SE MSE B 401 -2.93 29.37 -1.88
SE MSE B 401 -0.86 28.26 -1.71
CE MSE B 401 -2.19 27.54 -1.86
CE MSE B 401 -2.45 27.29 -2.07
N ILE B 402 1.90 32.01 -3.74
CA ILE B 402 3.36 32.20 -3.92
C ILE B 402 3.95 33.02 -2.76
N GLU B 403 3.31 34.16 -2.40
CA GLU B 403 3.73 35.04 -1.30
C GLU B 403 3.70 34.30 0.05
N PHE B 404 2.72 33.40 0.22
CA PHE B 404 2.62 32.60 1.42
C PHE B 404 3.80 31.61 1.54
N TYR B 405 4.11 30.91 0.44
CA TYR B 405 5.13 29.86 0.44
C TYR B 405 6.57 30.40 0.48
N VAL B 406 6.86 31.54 -0.20
CA VAL B 406 8.23 32.07 -0.23
C VAL B 406 8.26 33.59 -0.01
N PRO B 407 9.25 34.13 0.74
CA PRO B 407 9.31 35.59 0.96
C PRO B 407 9.57 36.40 -0.32
ZN ZN C . 9.16 -21.36 14.30
ZN ZN D . 6.46 -32.04 15.59
K K E . -1.14 -26.46 -7.96
CL CL F . 14.59 -3.34 -6.49
CL CL G . 1.85 -19.61 11.42
P PO4 H . 10.54 -19.28 14.46
O1 PO4 H . 11.29 -20.16 15.55
O2 PO4 H . 10.11 -20.07 13.24
O3 PO4 H . 9.16 -18.72 15.09
O4 PO4 H . 11.55 -18.18 13.99
P PO4 I . 12.64 1.06 -1.65
O1 PO4 I . 13.81 1.99 -1.10
O2 PO4 I . 13.27 0.14 -2.78
O3 PO4 I . 12.11 0.15 -0.40
O4 PO4 I . 11.38 1.88 -2.21
P PO4 J . -2.49 -40.26 6.23
O1 PO4 J . -1.27 -40.25 5.17
O2 PO4 J . -3.64 -41.26 5.72
O3 PO4 J . -1.99 -40.76 7.68
O4 PO4 J . -3.20 -38.83 6.36
S DMS K . -13.31 -20.71 14.25
O DMS K . -14.13 -20.55 13.07
C1 DMS K . -11.83 -19.68 14.14
C2 DMS K . -14.11 -19.85 15.65
C1 PEG L . -14.53 -33.03 -5.20
O1 PEG L . -14.13 -32.15 -6.21
C2 PEG L . -14.00 -32.67 -3.88
O2 PEG L . -14.82 -33.13 -2.83
C3 PEG L . -14.92 -32.33 -1.67
C4 PEG L . -16.18 -31.55 -1.62
O4 PEG L . -16.17 -30.76 -0.47
ZN ZN M . -10.34 21.18 -13.47
ZN ZN N . -10.63 32.38 -12.41
K K O . 11.33 25.24 -1.87
CL CL P . -8.82 20.36 -5.41
P PO4 Q . -3.59 17.79 21.50
O1 PO4 Q . -2.71 19.05 21.90
O2 PO4 Q . -2.93 16.45 22.05
O3 PO4 Q . -5.04 17.89 22.14
O4 PO4 Q . -3.70 17.72 19.93
C1 PEG R . 8.94 34.22 10.26
O1 PEG R . 9.73 33.02 10.22
C2 PEG R . 7.67 34.22 9.44
O2 PEG R . 6.67 33.44 10.05
C3 PEG R . 5.45 34.11 10.27
C4 PEG R . 4.48 33.26 11.01
O4 PEG R . 5.04 32.53 12.10
C1 PEG S . 1.85 -2.93 -12.18
O1 PEG S . 3.12 -2.65 -12.66
C2 PEG S . 1.80 -2.86 -10.68
O2 PEG S . 1.09 -1.65 -10.24
C3 PEG S . 0.07 -1.75 -9.23
C4 PEG S . -1.00 -0.75 -9.53
O4 PEG S . -2.13 -0.85 -8.69
C1 PEG T . -22.64 41.12 -1.42
O1 PEG T . -22.21 42.16 -2.26
C2 PEG T . -22.50 41.60 -0.04
O2 PEG T . -22.65 40.58 0.95
C3 PEG T . -21.67 40.71 1.92
C4 PEG T . -22.23 41.05 3.22
O4 PEG T . -21.85 42.29 3.76
#